data_2XWD
#
_entry.id   2XWD
#
_cell.length_a   68.036
_cell.length_b   96.617
_cell.length_c   83.164
_cell.angle_alpha   90.00
_cell.angle_beta   103.69
_cell.angle_gamma   90.00
#
_symmetry.space_group_name_H-M   'P 1 21 1'
#
loop_
_entity.id
_entity.type
_entity.pdbx_description
1 polymer GLUCOSYLCERAMIDASE
2 branched alpha-D-mannopyranose-(1-4)-2-acetamido-2-deoxy-beta-D-glucopyranose-(1-4)-[alpha-L-fucopyranose-(1-3)]2-acetamido-2-deoxy-beta-D-glucopyranose
3 branched beta-D-mannopyranose-(1-4)-2-acetamido-2-deoxy-beta-D-glucopyranose-(1-4)-[alpha-L-fucopyranose-(1-3)]2-acetamido-2-deoxy-beta-D-glucopyranose
4 non-polymer 'SULFATE ION'
5 non-polymer (3Z,5S,6R,7S,8R,8aR)-3-(octylimino)hexahydro[1,3]oxazolo[3,4-a]pyridine-5,6,7,8-tetrol
6 water water
#
_entity_poly.entity_id   1
_entity_poly.type   'polypeptide(L)'
_entity_poly.pdbx_seq_one_letter_code
;EFARPCIPKSFGYSSVVCVCNATYCDSFDPPTFPALGTFSRYESTRSGRRMELSMGPIQANHTGTGLLLTLQPEQKFQKV
KGFGGAMTDAAALNILALSPPAQNLLLKSYFSEEGIGYNIIRVPMASCDFSIRTYTYADTPDDFQLHNFSLPEEDTKLKI
PLIHRALQLAQRPVSLLASPWTSPTWLKTNGAVNGKGSLKGQPGDIYHQTWARYFVKFLDAYAEHKLQFWAVTAENEPSA
GLLSGYPFQCLGFTPEHQRDFIARDLGPTLANSTHHNVRLLMLDDQRLLLPHWAKVVLTDPEAAKYVHGIAVHWYLDFLA
PAKATLGETHRLFPNTMLFASEACVGSKFWEQSVRLGSWDRGMQYSHSIITNLLYHVVGWTDWNLALNPEGGPNWVRNFV
DSPIIVDITKDTFYKQPMFYHLGHFSKFIPEGSQRVGLVASQKNDLDAVALMHPDGSAVVVVLNRSSKDVPLTIKDPAVG
FLETISPGYSIHTYLWHRQLLVDTM
;
_entity_poly.pdbx_strand_id   A,B
#
loop_
_chem_comp.id
_chem_comp.type
_chem_comp.name
_chem_comp.formula
BMA D-saccharide, beta linking beta-D-mannopyranose 'C6 H12 O6'
FUC L-saccharide, alpha linking alpha-L-fucopyranose 'C6 H12 O5'
LGS non-polymer (3Z,5S,6R,7S,8R,8aR)-3-(octylimino)hexahydro[1,3]oxazolo[3,4-a]pyridine-5,6,7,8-tetrol 'C15 H28 N2 O5'
MAN D-saccharide, alpha linking alpha-D-mannopyranose 'C6 H12 O6'
NAG D-saccharide, beta linking 2-acetamido-2-deoxy-beta-D-glucopyranose 'C8 H15 N O6'
SO4 non-polymer 'SULFATE ION' 'O4 S -2'
#
# COMPACT_ATOMS: atom_id res chain seq x y z
N PHE A 2 14.23 41.97 -13.25
CA PHE A 2 14.31 41.61 -14.70
C PHE A 2 14.12 40.11 -14.94
N ALA A 3 13.40 39.79 -15.99
CA ALA A 3 13.19 38.39 -16.37
C ALA A 3 14.44 37.82 -17.07
N ARG A 4 15.21 37.01 -16.32
CA ARG A 4 16.32 36.21 -16.86
C ARG A 4 15.83 34.83 -17.31
N PRO A 5 16.14 34.41 -18.55
CA PRO A 5 15.53 33.14 -18.99
C PRO A 5 16.26 31.91 -18.51
N CYS A 6 15.59 30.76 -18.62
CA CYS A 6 16.16 29.48 -18.26
C CYS A 6 17.43 29.22 -19.11
N ILE A 7 18.51 28.78 -18.48
CA ILE A 7 19.66 28.15 -19.17
C ILE A 7 19.45 26.63 -19.33
N PRO A 8 18.94 26.19 -20.50
CA PRO A 8 18.59 24.78 -20.64
C PRO A 8 19.78 23.86 -20.70
N LYS A 9 19.67 22.70 -20.07
CA LYS A 9 20.64 21.63 -20.24
C LYS A 9 19.91 20.28 -20.23
N SER A 10 20.30 19.40 -21.15
CA SER A 10 19.71 18.06 -21.27
C SER A 10 20.63 17.02 -20.61
N PHE A 11 20.05 15.99 -20.01
CA PHE A 11 20.84 14.94 -19.37
C PHE A 11 20.47 13.61 -19.91
N GLY A 12 19.75 13.61 -21.05
CA GLY A 12 19.35 12.39 -21.73
C GLY A 12 17.91 11.95 -21.54
N TYR A 13 17.16 12.68 -20.72
CA TYR A 13 15.76 12.37 -20.50
C TYR A 13 14.85 13.27 -21.35
N SER A 14 13.56 13.27 -21.05
CA SER A 14 12.57 13.78 -22.01
C SER A 14 12.55 15.29 -22.19
N SER A 15 13.06 16.02 -21.18
CA SER A 15 13.08 17.49 -21.24
C SER A 15 14.33 18.00 -20.58
N VAL A 16 14.48 19.29 -20.43
CA VAL A 16 15.73 19.87 -19.94
C VAL A 16 15.56 20.30 -18.50
N VAL A 17 16.68 20.55 -17.81
CA VAL A 17 16.68 21.28 -16.54
C VAL A 17 17.16 22.69 -16.80
N CYS A 18 16.91 23.58 -15.87
CA CYS A 18 17.47 24.93 -15.92
C CYS A 18 18.61 25.05 -14.97
N VAL A 19 19.74 25.47 -15.51
CA VAL A 19 21.02 25.52 -14.78
C VAL A 19 21.19 26.85 -14.06
N CYS A 20 21.38 26.78 -12.75
CA CYS A 20 21.62 27.97 -11.94
C CYS A 20 22.98 27.87 -11.25
N ASN A 21 23.62 29.02 -11.02
CA ASN A 21 24.94 29.05 -10.36
C ASN A 21 25.07 30.31 -9.49
N ALA A 22 26.29 30.65 -9.10
CA ALA A 22 26.48 31.74 -8.11
C ALA A 22 26.09 33.12 -8.63
N THR A 23 26.19 33.31 -9.95
CA THR A 23 25.90 34.61 -10.54
C THR A 23 24.65 34.63 -11.43
N TYR A 24 24.01 33.46 -11.62
CA TYR A 24 22.92 33.39 -12.55
C TYR A 24 21.88 32.34 -12.20
N CYS A 25 20.62 32.80 -12.04
CA CYS A 25 19.49 31.91 -12.00
C CYS A 25 18.38 32.49 -12.84
N ASP A 26 17.49 31.67 -13.41
CA ASP A 26 16.36 32.21 -14.21
C ASP A 26 15.28 32.81 -13.28
N SER A 27 14.53 33.82 -13.75
CA SER A 27 13.51 34.48 -12.89
C SER A 27 12.47 35.30 -13.63
N PHE A 28 11.55 35.89 -12.86
CA PHE A 28 10.49 36.72 -13.42
C PHE A 28 10.79 38.17 -13.07
N PRO A 34 -2.76 42.05 -15.32
CA PRO A 34 -2.69 42.37 -16.75
C PRO A 34 -3.34 43.73 -17.07
N ALA A 35 -3.90 43.83 -18.29
CA ALA A 35 -4.80 44.93 -18.72
C ALA A 35 -6.24 44.40 -18.73
N LEU A 36 -7.24 45.26 -18.81
CA LEU A 36 -8.64 44.77 -18.87
C LEU A 36 -9.09 44.31 -20.28
N GLY A 37 -10.03 43.36 -20.30
CA GLY A 37 -10.40 42.68 -21.54
C GLY A 37 -9.26 41.78 -22.06
N THR A 38 -8.24 41.62 -21.22
CA THR A 38 -7.05 40.83 -21.53
C THR A 38 -6.78 39.70 -20.52
N PHE A 39 -6.31 38.56 -21.01
CA PHE A 39 -5.79 37.51 -20.13
C PHE A 39 -4.30 37.30 -20.26
N SER A 40 -3.69 36.81 -19.20
CA SER A 40 -2.31 36.31 -19.24
C SER A 40 -2.30 34.80 -19.26
N ARG A 41 -1.32 34.24 -19.97
CA ARG A 41 -1.07 32.80 -20.04
C ARG A 41 0.41 32.55 -19.67
N TYR A 42 0.68 31.59 -18.81
CA TYR A 42 2.03 31.13 -18.58
C TYR A 42 2.12 29.71 -19.04
N GLU A 43 3.16 29.40 -19.80
CA GLU A 43 3.22 28.12 -20.48
C GLU A 43 4.53 27.40 -20.21
N SER A 44 4.44 26.11 -19.89
CA SER A 44 5.60 25.27 -19.83
C SER A 44 5.32 24.05 -20.69
N THR A 45 6.28 23.74 -21.55
CA THR A 45 6.22 22.61 -22.46
C THR A 45 7.43 21.67 -22.27
N ARG A 46 7.25 20.45 -22.75
CA ARG A 46 8.30 19.47 -22.73
C ARG A 46 9.45 19.96 -23.63
N SER A 47 9.09 20.68 -24.69
CA SER A 47 10.07 21.06 -25.66
C SER A 47 11.03 22.09 -25.10
N GLY A 48 10.70 22.69 -23.96
CA GLY A 48 11.62 23.57 -23.27
C GLY A 48 11.10 24.93 -22.78
N ARG A 49 9.82 25.25 -23.04
CA ARG A 49 9.34 26.55 -22.61
C ARG A 49 9.17 26.51 -21.09
N ARG A 50 9.61 27.56 -20.39
CA ARG A 50 9.58 27.60 -18.94
C ARG A 50 8.85 28.79 -18.36
N MET A 51 7.62 28.58 -17.94
CA MET A 51 6.71 29.66 -17.51
C MET A 51 6.78 30.92 -18.38
N GLU A 52 6.70 30.76 -19.71
CA GLU A 52 6.70 31.86 -20.66
C GLU A 52 5.36 32.59 -20.67
N LEU A 53 5.42 33.94 -20.62
CA LEU A 53 4.22 34.80 -20.54
C LEU A 53 3.75 35.18 -21.92
N SER A 54 2.44 35.20 -22.10
CA SER A 54 1.83 35.75 -23.30
C SER A 54 0.44 36.26 -22.92
N MET A 55 -0.12 37.12 -23.77
CA MET A 55 -1.43 37.69 -23.51
C MET A 55 -2.36 37.45 -24.68
N GLY A 56 -3.65 37.68 -24.43
CA GLY A 56 -4.70 37.39 -25.42
C GLY A 56 -5.97 38.10 -25.05
N PRO A 57 -6.88 38.27 -26.02
CA PRO A 57 -8.03 39.12 -25.67
C PRO A 57 -9.14 38.29 -25.05
N ILE A 58 -9.88 38.83 -24.08
CA ILE A 58 -11.12 38.18 -23.70
C ILE A 58 -12.19 38.66 -24.67
N GLN A 59 -12.71 37.72 -25.46
CA GLN A 59 -13.65 38.02 -26.52
C GLN A 59 -15.06 37.99 -25.97
N ALA A 60 -15.99 38.61 -26.71
CA ALA A 60 -17.35 38.83 -26.24
C ALA A 60 -18.26 37.69 -26.62
N ASN A 61 -18.11 37.20 -27.85
CA ASN A 61 -18.98 36.12 -28.35
C ASN A 61 -18.10 34.90 -28.61
N HIS A 62 -18.72 33.73 -28.73
CA HIS A 62 -18.01 32.51 -29.15
C HIS A 62 -18.94 31.58 -29.92
N THR A 63 -18.38 30.86 -30.88
CA THR A 63 -19.17 29.97 -31.71
C THR A 63 -18.31 28.78 -32.05
N GLY A 64 -18.90 27.60 -31.96
CA GLY A 64 -18.23 26.43 -32.47
C GLY A 64 -18.52 25.28 -31.60
N THR A 65 -18.08 24.13 -32.06
CA THR A 65 -18.36 22.89 -31.36
C THR A 65 -17.07 22.37 -30.69
N GLY A 66 -16.04 23.20 -30.57
CA GLY A 66 -14.80 22.76 -29.91
C GLY A 66 -14.98 22.56 -28.40
N LEU A 67 -13.99 21.98 -27.74
CA LEU A 67 -14.04 21.82 -26.30
C LEU A 67 -14.18 23.20 -25.62
N LEU A 68 -15.19 23.31 -24.76
CA LEU A 68 -15.48 24.51 -23.98
C LEU A 68 -15.46 24.21 -22.46
N LEU A 69 -14.69 25.00 -21.71
CA LEU A 69 -14.60 24.90 -20.25
C LEU A 69 -15.29 26.11 -19.61
N THR A 70 -16.39 25.86 -18.92
CA THR A 70 -17.17 26.98 -18.41
C THR A 70 -16.93 27.14 -16.92
N LEU A 71 -16.52 28.34 -16.52
CA LEU A 71 -16.43 28.66 -15.11
C LEU A 71 -17.79 28.76 -14.47
N GLN A 72 -17.86 28.33 -13.21
CA GLN A 72 -19.04 28.51 -12.37
C GLN A 72 -18.67 29.23 -11.07
N PRO A 73 -18.45 30.56 -11.15
CA PRO A 73 -17.89 31.31 -10.02
C PRO A 73 -18.81 31.41 -8.82
N GLU A 74 -20.04 30.94 -8.96
CA GLU A 74 -21.02 30.94 -7.88
C GLU A 74 -21.01 29.60 -7.06
N GLN A 75 -20.33 28.61 -7.62
CA GLN A 75 -20.06 27.35 -6.93
C GLN A 75 -18.74 27.49 -6.19
N LYS A 76 -18.80 27.69 -4.89
CA LYS A 76 -17.64 27.98 -4.09
C LYS A 76 -17.28 26.70 -3.35
N PHE A 77 -15.99 26.35 -3.29
CA PHE A 77 -15.54 25.16 -2.57
C PHE A 77 -14.51 25.54 -1.51
N GLN A 78 -13.41 24.79 -1.40
CA GLN A 78 -12.42 25.04 -0.35
C GLN A 78 -11.59 26.30 -0.56
N LYS A 79 -11.17 26.93 0.53
CA LYS A 79 -10.12 27.97 0.49
C LYS A 79 -8.70 27.40 0.61
N VAL A 80 -7.75 27.99 -0.11
CA VAL A 80 -6.43 27.43 -0.21
C VAL A 80 -5.51 27.90 0.91
N LYS A 81 -4.86 26.96 1.58
CA LYS A 81 -3.82 27.29 2.56
C LYS A 81 -2.49 27.64 1.89
N GLY A 82 -2.08 26.83 0.92
CA GLY A 82 -0.85 27.15 0.15
C GLY A 82 -0.01 25.96 -0.29
N PHE A 83 1.23 26.25 -0.65
CA PHE A 83 2.12 25.30 -1.31
C PHE A 83 3.50 25.46 -0.75
N GLY A 84 4.30 24.40 -0.77
CA GLY A 84 5.70 24.51 -0.37
C GLY A 84 6.45 23.19 -0.34
N GLY A 85 7.46 23.09 0.52
CA GLY A 85 8.27 21.89 0.63
C GLY A 85 8.91 21.70 1.97
N ALA A 86 9.66 20.60 2.11
CA ALA A 86 10.28 20.26 3.39
C ALA A 86 11.74 20.69 3.49
N MET A 87 12.10 21.21 4.65
CA MET A 87 13.44 21.54 5.01
C MET A 87 14.05 20.40 5.86
N THR A 88 14.40 19.31 5.21
CA THR A 88 15.04 18.20 5.91
C THR A 88 16.52 18.53 6.22
N ASP A 89 17.20 17.71 7.02
CA ASP A 89 18.64 17.88 7.21
C ASP A 89 19.33 17.75 5.82
N ALA A 90 18.82 16.84 4.99
CA ALA A 90 19.44 16.61 3.70
C ALA A 90 19.27 17.83 2.83
N ALA A 91 18.09 18.46 2.88
CA ALA A 91 17.92 19.65 2.05
C ALA A 91 18.85 20.77 2.58
N ALA A 92 18.92 20.91 3.89
CA ALA A 92 19.77 21.92 4.45
C ALA A 92 21.22 21.68 4.07
N LEU A 93 21.75 20.48 4.28
CA LEU A 93 23.12 20.19 3.89
C LEU A 93 23.44 20.51 2.42
N ASN A 94 22.53 20.18 1.51
CA ASN A 94 22.80 20.40 0.11
C ASN A 94 22.83 21.88 -0.20
N ILE A 95 21.93 22.64 0.42
CA ILE A 95 21.78 24.06 0.12
C ILE A 95 22.99 24.81 0.68
N LEU A 96 23.43 24.41 1.87
CA LEU A 96 24.59 25.03 2.55
C LEU A 96 25.91 24.63 1.91
N ALA A 97 25.89 23.67 1.01
CA ALA A 97 27.12 23.26 0.36
C ALA A 97 27.43 24.14 -0.86
N LEU A 98 26.47 24.97 -1.28
CA LEU A 98 26.71 25.99 -2.32
C LEU A 98 27.33 27.25 -1.66
N SER A 99 27.95 28.11 -2.47
CA SER A 99 28.46 29.42 -2.04
C SER A 99 27.28 30.32 -1.70
N PRO A 100 27.44 31.22 -0.71
CA PRO A 100 26.26 32.05 -0.30
C PRO A 100 25.48 32.76 -1.44
N PRO A 101 26.17 33.32 -2.46
CA PRO A 101 25.30 33.90 -3.51
C PRO A 101 24.39 32.86 -4.19
N ALA A 102 24.90 31.64 -4.40
CA ALA A 102 24.12 30.55 -5.03
C ALA A 102 23.00 30.06 -4.11
N GLN A 103 23.27 30.08 -2.80
CA GLN A 103 22.27 29.76 -1.81
C GLN A 103 21.13 30.75 -1.88
N ASN A 104 21.46 32.03 -2.05
CA ASN A 104 20.40 33.06 -2.14
C ASN A 104 19.58 32.86 -3.38
N LEU A 105 20.21 32.46 -4.49
CA LEU A 105 19.43 32.25 -5.72
C LEU A 105 18.52 31.00 -5.58
N LEU A 106 19.01 29.98 -4.89
CA LEU A 106 18.19 28.82 -4.63
C LEU A 106 16.95 29.19 -3.79
N LEU A 107 17.14 29.87 -2.65
CA LEU A 107 15.99 30.24 -1.82
C LEU A 107 15.03 31.23 -2.50
N LYS A 108 15.59 32.20 -3.21
CA LYS A 108 14.75 33.14 -3.96
C LYS A 108 13.88 32.41 -4.95
N SER A 109 14.46 31.40 -5.61
CA SER A 109 13.69 30.54 -6.55
C SER A 109 12.37 30.05 -5.96
N TYR A 110 12.46 29.59 -4.71
CA TYR A 110 11.32 29.05 -4.00
C TYR A 110 10.40 30.09 -3.30
N PHE A 111 11.03 31.06 -2.63
CA PHE A 111 10.32 31.85 -1.66
C PHE A 111 10.01 33.28 -2.02
N SER A 112 10.76 33.87 -2.96
CA SER A 112 10.58 35.26 -3.36
C SER A 112 9.58 35.41 -4.48
N GLU A 113 9.00 36.61 -4.59
CA GLU A 113 8.15 36.98 -5.75
C GLU A 113 8.87 36.85 -7.11
N GLU A 114 10.20 36.92 -7.10
CA GLU A 114 10.98 36.68 -8.31
C GLU A 114 11.02 35.16 -8.65
N GLY A 115 10.72 34.32 -7.66
CA GLY A 115 10.62 32.89 -7.83
C GLY A 115 9.17 32.44 -7.81
N ILE A 116 8.88 31.32 -7.13
CA ILE A 116 7.54 30.72 -7.27
C ILE A 116 6.66 30.84 -6.03
N GLY A 117 7.13 31.59 -5.05
CA GLY A 117 6.27 32.01 -3.94
C GLY A 117 5.72 30.96 -3.01
N TYR A 118 6.56 29.99 -2.65
CA TYR A 118 6.21 29.00 -1.63
C TYR A 118 5.78 29.71 -0.39
N ASN A 119 4.79 29.18 0.31
CA ASN A 119 4.35 29.81 1.54
C ASN A 119 4.20 28.82 2.69
N ILE A 120 4.60 27.57 2.44
CA ILE A 120 4.64 26.51 3.44
C ILE A 120 6.03 25.86 3.53
N ILE A 121 6.47 25.58 4.76
CA ILE A 121 7.70 24.82 4.94
C ILE A 121 7.42 23.71 5.95
N ARG A 122 7.62 22.44 5.54
CA ARG A 122 7.53 21.34 6.51
C ARG A 122 8.90 21.09 7.14
N VAL A 123 8.89 20.86 8.46
CA VAL A 123 10.11 20.75 9.24
C VAL A 123 10.02 19.49 10.06
N PRO A 124 10.94 18.53 9.86
CA PRO A 124 10.88 17.31 10.66
C PRO A 124 11.27 17.59 12.10
N MET A 125 10.64 16.92 13.06
CA MET A 125 11.01 17.05 14.46
C MET A 125 12.04 15.98 14.73
N ALA A 126 13.30 16.42 14.75
CA ALA A 126 14.45 15.53 14.86
C ALA A 126 14.67 14.67 13.58
N SER A 127 15.43 13.59 13.68
CA SER A 127 15.93 12.93 12.45
C SER A 127 14.89 12.13 11.70
N CYS A 128 15.06 11.99 10.40
CA CYS A 128 14.31 11.01 9.63
C CYS A 128 15.29 10.31 8.68
N ASP A 129 14.78 9.65 7.63
CA ASP A 129 15.69 9.01 6.71
C ASP A 129 16.58 10.03 6.03
N PHE A 130 16.05 11.21 5.73
CA PHE A 130 16.86 12.27 5.13
C PHE A 130 17.67 13.07 6.15
N SER A 131 18.45 12.36 6.95
CA SER A 131 19.41 12.91 7.89
C SER A 131 20.66 12.06 7.69
N ILE A 132 21.84 12.57 8.07
CA ILE A 132 23.04 11.72 8.02
C ILE A 132 23.33 10.99 9.34
N ARG A 133 22.51 11.26 10.35
CA ARG A 133 22.61 10.49 11.57
C ARG A 133 21.28 10.39 12.33
N THR A 134 21.31 9.56 13.35
CA THR A 134 20.15 9.05 14.03
C THR A 134 20.08 9.77 15.38
N TYR A 135 19.13 10.67 15.58
CA TYR A 135 19.06 11.41 16.85
C TYR A 135 17.63 11.82 17.19
N THR A 136 17.37 12.05 18.46
CA THR A 136 16.13 12.73 18.84
C THR A 136 16.52 13.91 19.73
N TYR A 137 15.55 14.66 20.23
CA TYR A 137 15.85 15.80 21.08
C TYR A 137 16.00 15.46 22.57
N ALA A 138 15.77 14.21 22.95
CA ALA A 138 15.87 13.76 24.33
C ALA A 138 16.37 12.32 24.39
N ASP A 139 17.63 12.13 23.96
CA ASP A 139 18.27 10.80 23.86
C ASP A 139 18.82 10.23 25.20
N THR A 140 18.97 11.09 26.21
CA THR A 140 19.28 10.62 27.56
C THR A 140 18.21 9.66 28.08
N PRO A 141 18.60 8.41 28.40
CA PRO A 141 17.58 7.42 28.79
C PRO A 141 16.73 7.85 29.97
N ASP A 142 15.43 7.50 29.91
CA ASP A 142 14.49 7.66 31.01
C ASP A 142 14.40 9.08 31.55
N ASP A 143 14.71 10.07 30.69
CA ASP A 143 14.55 11.49 31.02
C ASP A 143 13.06 11.90 30.93
N PHE A 144 12.21 11.31 31.79
CA PHE A 144 10.75 11.58 31.74
C PHE A 144 10.43 13.04 31.97
N GLN A 145 11.35 13.74 32.61
CA GLN A 145 11.21 15.17 32.91
C GLN A 145 11.52 16.03 31.69
N LEU A 146 12.22 15.45 30.71
CA LEU A 146 12.73 16.17 29.57
C LEU A 146 13.68 17.30 30.01
N HIS A 147 14.58 16.99 30.94
CA HIS A 147 15.54 18.00 31.37
C HIS A 147 16.67 18.17 30.38
N ASN A 148 17.09 17.05 29.79
CA ASN A 148 18.17 17.11 28.86
C ASN A 148 17.67 17.20 27.42
N PHE A 149 16.52 17.86 27.24
CA PHE A 149 15.95 18.20 25.94
C PHE A 149 16.67 19.36 25.21
N SER A 150 17.25 19.10 24.05
CA SER A 150 17.88 20.18 23.32
C SER A 150 17.91 19.95 21.81
N LEU A 151 18.02 21.06 21.09
CA LEU A 151 18.19 21.07 19.65
C LEU A 151 19.67 20.90 19.32
N PRO A 152 20.01 19.88 18.50
CA PRO A 152 21.40 19.75 18.05
C PRO A 152 21.75 20.78 16.97
N GLU A 153 22.96 20.68 16.42
CA GLU A 153 23.42 21.62 15.39
C GLU A 153 22.61 21.53 14.10
N GLU A 154 22.11 20.32 13.79
CA GLU A 154 21.17 20.12 12.68
C GLU A 154 20.05 21.15 12.65
N ASP A 155 19.57 21.52 13.83
CA ASP A 155 18.56 22.58 13.92
C ASP A 155 19.20 23.95 14.01
N THR A 156 20.14 24.12 14.95
CA THR A 156 20.62 25.46 15.30
C THR A 156 21.58 26.08 14.29
N LYS A 157 22.40 25.24 13.63
CA LYS A 157 23.29 25.73 12.56
C LYS A 157 22.75 25.48 11.14
N LEU A 158 21.87 24.49 10.94
CA LEU A 158 21.37 24.17 9.57
C LEU A 158 19.94 24.62 9.27
N LYS A 159 18.96 23.92 9.86
CA LYS A 159 17.56 24.16 9.50
C LYS A 159 17.07 25.56 9.87
N ILE A 160 17.32 26.00 11.10
CA ILE A 160 16.74 27.26 11.56
C ILE A 160 17.28 28.46 10.79
N PRO A 161 18.61 28.55 10.63
CA PRO A 161 19.06 29.75 9.89
C PRO A 161 18.54 29.79 8.44
N LEU A 162 18.45 28.64 7.78
CA LEU A 162 17.85 28.59 6.45
C LEU A 162 16.38 28.99 6.45
N ILE A 163 15.60 28.50 7.40
CA ILE A 163 14.20 28.88 7.46
C ILE A 163 14.07 30.40 7.66
N HIS A 164 14.93 30.99 8.50
CA HIS A 164 14.98 32.46 8.62
C HIS A 164 15.22 33.15 7.27
N ARG A 165 16.29 32.77 6.56
CA ARG A 165 16.60 33.35 5.26
C ARG A 165 15.40 33.24 4.31
N ALA A 166 14.71 32.10 4.30
CA ALA A 166 13.47 31.93 3.54
C ALA A 166 12.42 32.96 3.92
N LEU A 167 12.08 33.06 5.21
CA LEU A 167 11.09 34.06 5.62
C LEU A 167 11.52 35.49 5.23
N GLN A 168 12.81 35.80 5.33
CA GLN A 168 13.28 37.12 4.95
C GLN A 168 13.07 37.46 3.47
N LEU A 169 13.09 36.45 2.61
CA LEU A 169 12.98 36.64 1.14
C LEU A 169 11.53 36.58 0.66
N ALA A 170 10.66 35.94 1.45
CA ALA A 170 9.23 35.83 1.12
C ALA A 170 8.52 37.16 1.12
N GLN A 171 7.61 37.40 0.17
CA GLN A 171 6.67 38.57 0.32
C GLN A 171 5.43 38.05 1.02
N ARG A 172 5.07 36.80 0.72
CA ARG A 172 3.88 36.17 1.31
C ARG A 172 4.25 35.64 2.68
N PRO A 173 3.35 35.77 3.65
CA PRO A 173 3.62 35.16 4.98
C PRO A 173 3.74 33.64 4.91
N VAL A 174 4.76 33.08 5.56
CA VAL A 174 5.04 31.65 5.46
C VAL A 174 4.54 30.90 6.67
N SER A 175 3.90 29.76 6.42
CA SER A 175 3.41 28.85 7.47
C SER A 175 4.34 27.67 7.66
N LEU A 176 4.80 27.43 8.88
CA LEU A 176 5.61 26.27 9.20
C LEU A 176 4.76 25.11 9.68
N LEU A 177 5.13 23.91 9.28
CA LEU A 177 4.42 22.71 9.64
C LEU A 177 5.43 21.73 10.18
N ALA A 178 5.15 21.14 11.34
CA ALA A 178 6.12 20.19 11.96
C ALA A 178 5.59 18.74 12.07
N SER A 179 6.49 17.76 11.88
CA SER A 179 6.13 16.34 11.97
C SER A 179 7.24 15.49 12.57
N PRO A 180 6.91 14.70 13.61
CA PRO A 180 7.92 13.78 14.16
C PRO A 180 7.92 12.44 13.40
N TRP A 181 9.10 11.85 13.21
CA TRP A 181 9.16 10.45 12.74
C TRP A 181 9.18 9.51 13.94
N THR A 182 10.12 9.68 14.86
CA THR A 182 10.22 8.79 16.01
C THR A 182 10.37 9.57 17.30
N SER A 183 9.94 8.95 18.40
CA SER A 183 10.20 9.40 19.75
C SER A 183 11.55 8.87 20.22
N PRO A 184 12.11 9.45 21.33
CA PRO A 184 13.20 8.78 22.06
C PRO A 184 12.92 7.29 22.20
N THR A 185 13.96 6.47 22.04
CA THR A 185 13.79 5.05 21.96
C THR A 185 13.37 4.46 23.29
N TRP A 186 13.71 5.13 24.40
CA TRP A 186 13.27 4.70 25.73
C TRP A 186 11.74 4.90 25.96
N LEU A 187 11.07 5.57 25.03
CA LEU A 187 9.61 5.66 25.12
C LEU A 187 8.92 4.58 24.31
N LYS A 188 9.71 3.76 23.58
CA LYS A 188 9.16 2.85 22.56
C LYS A 188 9.22 1.38 22.95
N THR A 189 8.15 0.65 22.61
CA THR A 189 8.07 -0.77 22.91
C THR A 189 9.28 -1.60 22.47
N ASN A 190 10.02 -1.15 21.47
CA ASN A 190 11.06 -1.99 20.87
C ASN A 190 12.46 -1.45 21.12
N GLY A 191 12.57 -0.29 21.76
CA GLY A 191 13.85 0.27 22.10
C GLY A 191 14.73 0.64 20.92
N ALA A 192 14.13 0.95 19.78
CA ALA A 192 14.91 1.37 18.60
C ALA A 192 14.20 2.47 17.81
N VAL A 193 14.95 3.21 16.99
CA VAL A 193 14.36 4.31 16.20
C VAL A 193 13.48 3.84 15.04
N ASN A 194 13.80 2.65 14.50
CA ASN A 194 13.03 2.03 13.45
C ASN A 194 12.40 0.70 13.94
N GLY A 195 11.93 -0.15 13.01
CA GLY A 195 11.30 -1.43 13.36
C GLY A 195 9.86 -1.26 13.76
N LYS A 196 9.18 -2.37 14.04
CA LYS A 196 7.80 -2.37 14.48
C LYS A 196 7.84 -1.95 15.92
N GLY A 197 7.06 -0.95 16.28
CA GLY A 197 7.12 -0.48 17.66
C GLY A 197 6.36 0.81 17.84
N SER A 198 5.73 0.96 19.00
CA SER A 198 4.97 2.12 19.30
C SER A 198 5.34 2.61 20.67
N LEU A 199 4.71 3.67 21.15
CA LEU A 199 4.86 4.07 22.54
C LEU A 199 4.53 2.93 23.51
N LYS A 200 5.32 2.80 24.58
CA LYS A 200 4.98 1.85 25.64
C LYS A 200 3.68 2.28 26.31
N GLY A 201 3.00 1.31 26.93
CA GLY A 201 1.83 1.60 27.75
C GLY A 201 0.61 1.99 26.97
N GLN A 202 -0.17 2.90 27.51
CA GLN A 202 -1.46 3.22 26.90
C GLN A 202 -1.69 4.74 27.06
N PRO A 203 -2.39 5.36 26.10
CA PRO A 203 -2.65 6.81 26.20
C PRO A 203 -3.22 7.20 27.55
N GLY A 204 -2.80 8.34 28.04
CA GLY A 204 -3.20 8.84 29.36
C GLY A 204 -2.12 8.59 30.39
N ASP A 205 -1.12 7.78 30.04
CA ASP A 205 -0.08 7.39 30.98
C ASP A 205 1.22 8.19 30.87
N ILE A 206 2.22 7.77 31.61
CA ILE A 206 3.43 8.58 31.72
C ILE A 206 4.23 8.66 30.41
N TYR A 207 4.28 7.58 29.66
CA TYR A 207 4.96 7.57 28.37
C TYR A 207 4.28 8.54 27.42
N HIS A 208 2.96 8.49 27.40
CA HIS A 208 2.19 9.35 26.53
C HIS A 208 2.17 10.83 26.95
N GLN A 209 2.13 11.11 28.26
CA GLN A 209 2.21 12.51 28.65
C GLN A 209 3.60 13.09 28.32
N THR A 210 4.66 12.32 28.57
CA THR A 210 6.00 12.68 28.14
C THR A 210 6.09 12.99 26.65
N TRP A 211 5.45 12.16 25.82
CA TRP A 211 5.59 12.32 24.38
C TRP A 211 4.90 13.61 23.97
N ALA A 212 3.69 13.81 24.50
CA ALA A 212 2.96 15.05 24.29
C ALA A 212 3.80 16.26 24.74
N ARG A 213 4.43 16.16 25.90
CA ARG A 213 5.23 17.26 26.42
C ARG A 213 6.39 17.61 25.50
N TYR A 214 6.95 16.60 24.82
CA TYR A 214 8.01 16.78 23.84
C TYR A 214 7.58 17.73 22.69
N PHE A 215 6.33 17.60 22.24
CA PHE A 215 5.83 18.46 21.20
C PHE A 215 5.95 19.89 21.69
N VAL A 216 5.50 20.14 22.92
CA VAL A 216 5.57 21.52 23.50
C VAL A 216 7.01 21.97 23.69
N LYS A 217 7.83 21.07 24.21
CA LYS A 217 9.26 21.34 24.31
C LYS A 217 9.86 21.78 22.96
N PHE A 218 9.46 21.09 21.90
CA PHE A 218 9.89 21.41 20.53
C PHE A 218 9.42 22.79 20.10
N LEU A 219 8.13 23.08 20.30
CA LEU A 219 7.57 24.39 19.95
C LEU A 219 8.19 25.51 20.78
N ASP A 220 8.51 25.24 22.05
CA ASP A 220 9.22 26.17 22.94
C ASP A 220 10.58 26.50 22.37
N ALA A 221 11.36 25.47 22.02
CA ALA A 221 12.74 25.69 21.52
C ALA A 221 12.81 26.48 20.19
N TYR A 222 11.88 26.16 19.28
CA TYR A 222 11.76 26.91 18.03
C TYR A 222 11.33 28.35 18.22
N ALA A 223 10.38 28.58 19.14
CA ALA A 223 10.03 29.95 19.57
C ALA A 223 11.25 30.77 20.12
N GLU A 224 12.14 30.12 20.88
CA GLU A 224 13.31 30.83 21.41
C GLU A 224 14.16 31.37 20.28
N HIS A 225 14.11 30.70 19.11
CA HIS A 225 14.82 31.16 17.92
C HIS A 225 13.89 31.92 17.02
N LYS A 226 12.80 32.41 17.60
CA LYS A 226 11.86 33.30 16.88
C LYS A 226 11.17 32.65 15.68
N LEU A 227 10.90 31.35 15.75
CA LEU A 227 10.09 30.68 14.73
C LEU A 227 8.82 30.17 15.36
N GLN A 228 7.68 30.46 14.76
CA GLN A 228 6.45 29.87 15.24
C GLN A 228 5.71 28.99 14.19
N PHE A 229 4.96 28.01 14.69
CA PHE A 229 4.37 27.04 13.81
C PHE A 229 2.93 27.30 13.52
N TRP A 230 2.54 27.11 12.27
CA TRP A 230 1.14 27.15 11.88
C TRP A 230 0.48 25.86 12.37
N ALA A 231 1.14 24.70 12.16
CA ALA A 231 0.52 23.41 12.48
C ALA A 231 1.55 22.36 12.88
N VAL A 232 1.10 21.35 13.63
CA VAL A 232 1.89 20.11 13.76
C VAL A 232 1.04 18.94 13.31
N THR A 233 1.69 17.85 12.90
CA THR A 233 0.98 16.58 12.67
C THR A 233 1.22 15.65 13.87
N ALA A 234 0.31 14.73 14.07
CA ALA A 234 0.34 13.91 15.26
C ALA A 234 1.43 12.87 15.16
N GLU A 235 1.99 12.69 13.94
CA GLU A 235 3.03 11.67 13.68
C GLU A 235 3.17 11.49 12.18
N ASN A 236 4.41 11.43 11.69
CA ASN A 236 4.62 11.08 10.29
C ASN A 236 4.26 9.61 10.02
N GLU A 237 3.31 9.36 9.12
CA GLU A 237 3.00 8.01 8.67
C GLU A 237 2.92 7.02 9.84
N PRO A 238 1.94 7.24 10.73
CA PRO A 238 1.74 6.35 11.87
C PRO A 238 1.72 4.88 11.45
N SER A 239 1.27 4.58 10.24
CA SER A 239 1.11 3.19 9.89
C SER A 239 2.44 2.49 9.80
N ALA A 240 3.50 3.24 9.49
CA ALA A 240 4.85 2.66 9.30
C ALA A 240 5.32 1.80 10.47
N GLY A 241 5.30 2.35 11.66
CA GLY A 241 5.71 1.62 12.83
C GLY A 241 4.84 0.43 13.13
N LEU A 242 3.83 0.16 12.32
CA LEU A 242 3.05 -1.08 12.49
C LEU A 242 3.68 -2.21 11.69
N LEU A 243 4.71 -1.87 10.93
CA LEU A 243 5.23 -2.79 9.96
C LEU A 243 6.56 -3.34 10.38
N SER A 244 6.53 -4.65 10.61
CA SER A 244 7.69 -5.45 10.92
C SER A 244 8.88 -5.14 10.01
N GLY A 245 10.02 -4.87 10.62
CA GLY A 245 11.21 -4.54 9.86
C GLY A 245 11.40 -3.10 9.41
N TYR A 246 10.42 -2.20 9.66
CA TYR A 246 10.47 -0.85 9.04
C TYR A 246 11.86 -0.22 9.14
N PRO A 247 12.46 0.08 7.99
CA PRO A 247 13.88 0.35 7.95
C PRO A 247 14.35 1.70 8.56
N PHE A 248 13.46 2.66 8.73
CA PHE A 248 13.91 3.94 9.24
C PHE A 248 13.05 4.54 10.35
N GLN A 249 13.36 5.76 10.80
CA GLN A 249 12.64 6.32 11.95
C GLN A 249 11.11 6.27 11.77
N CYS A 250 10.41 5.66 12.72
CA CYS A 250 8.95 5.54 12.65
C CYS A 250 8.41 5.38 14.07
N LEU A 251 7.09 5.45 14.21
CA LEU A 251 6.44 5.28 15.51
C LEU A 251 4.96 4.94 15.26
N GLY A 252 4.59 3.69 15.53
CA GLY A 252 3.31 3.14 15.09
C GLY A 252 2.11 3.56 15.87
N PHE A 253 1.04 3.96 15.17
CA PHE A 253 -0.29 4.11 15.83
C PHE A 253 -1.37 3.51 14.96
N THR A 254 -2.23 2.67 15.54
CA THR A 254 -3.50 2.34 14.91
C THR A 254 -4.36 3.59 15.04
N PRO A 255 -5.43 3.71 14.23
CA PRO A 255 -6.28 4.92 14.43
C PRO A 255 -6.90 5.05 15.85
N GLU A 256 -7.18 3.93 16.51
CA GLU A 256 -7.68 4.00 17.89
C GLU A 256 -6.64 4.62 18.79
N HIS A 257 -5.40 4.12 18.66
CA HIS A 257 -4.31 4.59 19.48
C HIS A 257 -4.10 6.11 19.20
N GLN A 258 -4.13 6.52 17.92
CA GLN A 258 -4.04 7.94 17.59
C GLN A 258 -5.19 8.76 18.20
N ARG A 259 -6.44 8.34 17.98
CA ARG A 259 -7.63 8.91 18.65
C ARG A 259 -7.38 9.15 20.15
N ASP A 260 -6.97 8.12 20.89
CA ASP A 260 -6.87 8.25 22.34
C ASP A 260 -5.65 9.11 22.75
N PHE A 261 -4.56 9.04 21.97
CA PHE A 261 -3.40 9.92 22.20
C PHE A 261 -3.80 11.40 22.10
N ILE A 262 -4.47 11.76 21.00
CA ILE A 262 -4.92 13.12 20.79
C ILE A 262 -5.93 13.55 21.87
N ALA A 263 -6.90 12.69 22.16
CA ALA A 263 -7.89 12.98 23.22
C ALA A 263 -7.32 13.18 24.64
N ARG A 264 -6.42 12.32 25.07
CA ARG A 264 -6.02 12.33 26.47
C ARG A 264 -4.70 13.05 26.73
N ASP A 265 -3.84 13.12 25.71
CA ASP A 265 -2.51 13.66 25.91
C ASP A 265 -2.24 14.89 25.05
N LEU A 266 -2.14 14.68 23.74
CA LEU A 266 -1.52 15.69 22.87
C LEU A 266 -2.39 16.92 22.72
N GLY A 267 -3.69 16.72 22.59
CA GLY A 267 -4.62 17.85 22.48
C GLY A 267 -4.64 18.68 23.76
N PRO A 268 -4.93 18.04 24.92
CA PRO A 268 -4.87 18.79 26.16
C PRO A 268 -3.54 19.48 26.44
N THR A 269 -2.43 18.77 26.24
CA THR A 269 -1.13 19.37 26.49
C THR A 269 -0.88 20.58 25.58
N LEU A 270 -1.34 20.55 24.34
CA LEU A 270 -1.16 21.72 23.49
C LEU A 270 -2.12 22.83 23.87
N ALA A 271 -3.33 22.50 24.29
CA ALA A 271 -4.30 23.50 24.66
C ALA A 271 -3.86 24.30 25.88
N ASN A 272 -3.27 23.61 26.86
CA ASN A 272 -2.79 24.19 28.14
C ASN A 272 -1.44 24.93 27.99
N SER A 273 -0.95 25.09 26.76
CA SER A 273 0.38 25.63 26.52
C SER A 273 0.29 27.03 25.86
N THR A 274 1.42 27.70 25.77
CA THR A 274 1.44 29.00 25.13
C THR A 274 1.18 28.81 23.63
N HIS A 275 1.22 27.57 23.17
CA HIS A 275 1.18 27.30 21.75
C HIS A 275 -0.19 26.74 21.37
N HIS A 276 -1.21 27.11 22.14
CA HIS A 276 -2.59 26.63 21.93
C HIS A 276 -3.18 27.02 20.55
N ASN A 277 -2.65 28.06 19.90
CA ASN A 277 -3.09 28.39 18.55
C ASN A 277 -2.58 27.54 17.44
N VAL A 278 -1.57 26.70 17.73
CA VAL A 278 -1.05 25.77 16.75
C VAL A 278 -2.11 24.73 16.36
N ARG A 279 -2.34 24.58 15.05
CA ARG A 279 -3.31 23.62 14.55
C ARG A 279 -2.76 22.19 14.65
N LEU A 280 -3.56 21.26 15.14
CA LEU A 280 -3.17 19.85 15.09
C LEU A 280 -3.77 19.17 13.87
N LEU A 281 -2.92 18.58 13.04
CA LEU A 281 -3.38 17.72 11.94
C LEU A 281 -3.19 16.24 12.24
N MET A 282 -4.19 15.43 11.91
CA MET A 282 -4.11 13.98 12.05
C MET A 282 -3.70 13.23 10.75
N LEU A 283 -3.55 11.91 10.90
CA LEU A 283 -3.20 10.98 9.83
C LEU A 283 -1.75 11.16 9.31
N ASP A 284 -1.50 12.12 8.42
CA ASP A 284 -0.16 12.36 7.89
C ASP A 284 0.34 11.07 7.24
N ASP A 285 -0.58 10.45 6.49
CA ASP A 285 -0.36 9.13 5.91
C ASP A 285 -1.08 8.98 4.57
N GLN A 286 -1.11 7.76 4.04
CA GLN A 286 -1.71 7.44 2.73
C GLN A 286 -3.20 7.72 2.73
N ARG A 287 -3.73 8.18 1.61
CA ARG A 287 -5.14 8.56 1.60
C ARG A 287 -6.06 7.34 1.54
N LEU A 288 -5.53 6.17 1.14
CA LEU A 288 -6.30 4.93 1.28
C LEU A 288 -6.81 4.66 2.72
N LEU A 289 -6.15 5.22 3.73
CA LEU A 289 -6.60 5.12 5.13
C LEU A 289 -7.87 5.94 5.44
N LEU A 290 -8.25 6.82 4.49
CA LEU A 290 -9.48 7.59 4.58
C LEU A 290 -10.52 6.85 3.80
N PRO A 291 -11.81 6.91 4.22
CA PRO A 291 -12.33 7.68 5.37
C PRO A 291 -12.24 7.00 6.72
N HIS A 292 -11.80 5.73 6.78
CA HIS A 292 -11.76 4.97 8.03
C HIS A 292 -11.11 5.70 9.21
N TRP A 293 -9.92 6.25 9.01
CA TRP A 293 -9.21 6.92 10.08
C TRP A 293 -9.91 8.14 10.62
N ALA A 294 -10.46 8.97 9.73
CA ALA A 294 -11.27 10.11 10.10
C ALA A 294 -12.52 9.69 10.89
N LYS A 295 -13.15 8.59 10.49
CA LYS A 295 -14.27 8.08 11.28
C LYS A 295 -13.86 7.66 12.71
N VAL A 296 -12.79 6.90 12.84
CA VAL A 296 -12.33 6.47 14.12
C VAL A 296 -11.98 7.66 14.98
N VAL A 297 -11.26 8.64 14.43
CA VAL A 297 -10.78 9.76 15.25
C VAL A 297 -11.86 10.81 15.48
N LEU A 298 -12.59 11.17 14.45
CA LEU A 298 -13.47 12.34 14.56
C LEU A 298 -14.84 12.07 15.17
N THR A 299 -15.25 10.81 15.27
CA THR A 299 -16.53 10.52 15.92
C THR A 299 -16.41 10.52 17.45
N ASP A 300 -15.19 10.62 17.95
CA ASP A 300 -14.97 10.78 19.37
C ASP A 300 -14.89 12.29 19.60
N PRO A 301 -15.89 12.87 20.29
CA PRO A 301 -15.93 14.32 20.56
C PRO A 301 -14.73 14.81 21.38
N GLU A 302 -14.16 13.93 22.21
CA GLU A 302 -12.99 14.31 22.97
C GLU A 302 -11.74 14.47 22.09
N ALA A 303 -11.65 13.74 21.00
CA ALA A 303 -10.56 13.94 20.02
C ALA A 303 -10.90 14.97 18.92
N ALA A 304 -12.13 14.94 18.43
CA ALA A 304 -12.56 15.81 17.38
C ALA A 304 -12.29 17.26 17.76
N LYS A 305 -12.48 17.62 19.03
CA LYS A 305 -12.37 19.02 19.39
C LYS A 305 -10.97 19.57 19.26
N TYR A 306 -9.97 18.68 19.09
CA TYR A 306 -8.56 19.10 18.91
C TYR A 306 -8.06 19.03 17.49
N VAL A 307 -8.84 18.43 16.60
CA VAL A 307 -8.31 18.17 15.29
C VAL A 307 -8.71 19.25 14.32
N HIS A 308 -7.75 20.02 13.81
CA HIS A 308 -8.06 21.01 12.81
C HIS A 308 -8.21 20.42 11.44
N GLY A 309 -7.44 19.40 11.12
CA GLY A 309 -7.42 18.87 9.77
C GLY A 309 -6.81 17.50 9.62
N ILE A 310 -6.77 17.01 8.39
CA ILE A 310 -6.27 15.68 8.06
C ILE A 310 -5.16 15.81 7.02
N ALA A 311 -3.94 15.37 7.36
CA ALA A 311 -2.84 15.33 6.37
C ALA A 311 -2.74 14.01 5.54
N VAL A 312 -2.54 14.14 4.23
CA VAL A 312 -2.37 12.99 3.38
C VAL A 312 -1.02 12.95 2.62
N HIS A 313 -0.53 11.75 2.35
CA HIS A 313 0.66 11.52 1.53
C HIS A 313 0.18 10.79 0.27
N TRP A 314 0.90 10.94 -0.84
CA TRP A 314 0.42 10.55 -2.17
C TRP A 314 0.87 9.16 -2.66
N TYR A 315 1.70 8.48 -1.84
CA TYR A 315 2.49 7.38 -2.36
C TYR A 315 1.70 6.18 -2.83
N LEU A 316 0.60 5.87 -2.14
CA LEU A 316 -0.27 4.78 -2.61
C LEU A 316 -1.58 5.28 -3.28
N ASP A 317 -1.49 6.41 -3.97
CA ASP A 317 -2.65 6.98 -4.68
C ASP A 317 -3.32 5.96 -5.63
N PHE A 318 -2.50 5.18 -6.32
CA PHE A 318 -2.97 4.23 -7.26
C PHE A 318 -3.96 3.25 -6.65
N LEU A 319 -3.84 2.97 -5.34
CA LEU A 319 -4.80 2.08 -4.63
C LEU A 319 -6.10 2.78 -4.14
N ALA A 320 -6.16 4.10 -4.30
CA ALA A 320 -7.10 4.93 -3.58
C ALA A 320 -7.62 6.03 -4.47
N PRO A 321 -8.72 5.77 -5.21
CA PRO A 321 -9.31 6.82 -6.04
C PRO A 321 -9.83 7.98 -5.17
N ALA A 322 -9.56 9.20 -5.62
CA ALA A 322 -9.85 10.40 -4.82
C ALA A 322 -11.31 10.57 -4.40
N LYS A 323 -12.25 10.18 -5.23
CA LYS A 323 -13.66 10.30 -4.86
C LYS A 323 -14.02 9.44 -3.64
N ALA A 324 -13.42 8.25 -3.55
CA ALA A 324 -13.84 7.29 -2.53
C ALA A 324 -13.15 7.56 -1.22
N THR A 325 -12.12 8.41 -1.25
CA THR A 325 -11.22 8.63 -0.13
C THR A 325 -11.32 10.05 0.34
N LEU A 326 -10.75 10.98 -0.44
CA LEU A 326 -10.86 12.42 -0.20
C LEU A 326 -12.31 12.95 -0.26
N GLY A 327 -13.05 12.54 -1.30
CA GLY A 327 -14.41 13.00 -1.52
C GLY A 327 -15.37 12.52 -0.46
N GLU A 328 -15.25 11.27 -0.05
CA GLU A 328 -16.08 10.73 1.00
C GLU A 328 -15.75 11.31 2.37
N THR A 329 -14.49 11.70 2.58
CA THR A 329 -14.08 12.32 3.83
C THR A 329 -14.67 13.72 4.00
N HIS A 330 -14.65 14.47 2.91
CA HIS A 330 -15.25 15.79 2.83
C HIS A 330 -16.77 15.74 3.03
N ARG A 331 -17.44 14.75 2.43
CA ARG A 331 -18.87 14.59 2.62
C ARG A 331 -19.17 14.30 4.09
N LEU A 332 -18.45 13.38 4.72
CA LEU A 332 -18.66 13.11 6.14
C LEU A 332 -18.19 14.22 7.08
N PHE A 333 -17.04 14.84 6.80
CA PHE A 333 -16.43 15.84 7.68
C PHE A 333 -16.03 17.14 6.96
N PRO A 334 -17.01 17.84 6.37
CA PRO A 334 -16.67 18.98 5.53
C PRO A 334 -15.92 20.09 6.26
N ASN A 335 -16.02 20.18 7.58
CA ASN A 335 -15.33 21.23 8.33
C ASN A 335 -13.90 20.93 8.75
N THR A 336 -13.43 19.73 8.47
CA THR A 336 -12.09 19.34 8.80
C THR A 336 -11.30 19.33 7.50
N MET A 337 -10.44 20.31 7.33
CA MET A 337 -9.69 20.47 6.08
C MET A 337 -8.80 19.26 5.74
N LEU A 338 -8.74 18.92 4.46
CA LEU A 338 -7.74 17.99 3.94
C LEU A 338 -6.51 18.70 3.36
N PHE A 339 -5.33 18.18 3.63
CA PHE A 339 -4.10 18.87 3.27
C PHE A 339 -3.10 17.83 2.82
N ALA A 340 -2.50 18.02 1.64
CA ALA A 340 -1.43 17.11 1.17
C ALA A 340 -0.04 17.57 1.69
N SER A 341 0.57 16.74 2.54
CA SER A 341 1.74 17.16 3.28
C SER A 341 3.07 16.56 2.85
N GLU A 342 3.04 15.50 2.02
CA GLU A 342 4.28 14.90 1.49
C GLU A 342 4.13 14.23 0.14
N ALA A 343 5.03 14.57 -0.78
CA ALA A 343 5.13 13.82 -2.03
C ALA A 343 6.56 13.82 -2.58
N CYS A 344 6.96 12.76 -3.26
CA CYS A 344 8.21 12.80 -4.04
C CYS A 344 8.12 11.69 -5.05
N VAL A 345 8.80 11.83 -6.18
CA VAL A 345 8.88 10.73 -7.14
C VAL A 345 10.20 9.99 -6.99
N GLY A 346 10.31 8.82 -7.59
CA GLY A 346 11.57 8.07 -7.51
C GLY A 346 11.74 7.15 -6.30
N SER A 347 10.70 6.98 -5.49
CA SER A 347 10.81 6.11 -4.33
C SER A 347 10.68 4.59 -4.60
N LYS A 348 9.98 4.21 -5.68
CA LYS A 348 9.81 2.79 -6.07
C LYS A 348 11.17 2.17 -6.32
N PHE A 349 11.35 0.94 -5.82
CA PHE A 349 12.65 0.20 -5.83
C PHE A 349 13.20 0.08 -7.23
N TRP A 350 12.30 -0.07 -8.20
CA TRP A 350 12.66 -0.16 -9.61
C TRP A 350 12.96 1.19 -10.28
N GLU A 351 12.48 2.32 -9.74
CA GLU A 351 12.78 3.59 -10.34
C GLU A 351 14.21 4.00 -10.00
N GLN A 352 14.87 4.60 -10.99
CA GLN A 352 16.04 5.43 -10.81
C GLN A 352 15.60 6.58 -9.89
N SER A 353 16.43 6.91 -8.91
CA SER A 353 16.08 7.95 -7.95
C SER A 353 15.88 9.33 -8.53
N VAL A 354 16.83 9.78 -9.36
CA VAL A 354 16.83 11.12 -9.96
C VAL A 354 16.96 10.96 -11.47
N ARG A 355 15.98 11.51 -12.18
CA ARG A 355 16.00 11.53 -13.65
C ARG A 355 16.05 12.99 -14.02
N LEU A 356 17.26 13.56 -14.18
CA LEU A 356 17.41 15.00 -14.43
C LEU A 356 16.73 15.48 -15.73
N GLY A 357 15.67 16.28 -15.63
CA GLY A 357 15.01 16.78 -16.82
C GLY A 357 13.77 16.00 -17.15
N SER A 358 13.36 15.05 -16.29
CA SER A 358 12.15 14.26 -16.51
C SER A 358 10.82 15.07 -16.63
N TRP A 359 10.27 15.13 -17.84
CA TRP A 359 8.99 15.79 -18.05
C TRP A 359 7.88 15.06 -17.28
N ASP A 360 7.99 13.74 -17.32
CA ASP A 360 7.02 12.83 -16.75
C ASP A 360 6.85 13.05 -15.25
N ARG A 361 7.96 13.25 -14.56
CA ARG A 361 7.84 13.49 -13.14
C ARG A 361 7.14 14.82 -12.82
N GLY A 362 7.38 15.85 -13.66
CA GLY A 362 6.73 17.13 -13.52
C GLY A 362 5.24 17.01 -13.69
N MET A 363 4.81 16.25 -14.70
CA MET A 363 3.40 15.98 -14.95
C MET A 363 2.78 15.16 -13.83
N GLN A 364 3.54 14.26 -13.21
CA GLN A 364 3.01 13.61 -12.02
C GLN A 364 2.65 14.64 -10.89
N TYR A 365 3.53 15.60 -10.64
CA TYR A 365 3.23 16.62 -9.62
C TYR A 365 1.92 17.38 -9.92
N SER A 366 1.81 17.90 -11.16
CA SER A 366 0.69 18.74 -11.49
C SER A 366 -0.61 17.94 -11.58
N HIS A 367 -0.52 16.68 -11.99
CA HIS A 367 -1.69 15.85 -12.06
C HIS A 367 -2.21 15.56 -10.65
N SER A 368 -1.30 15.26 -9.74
CA SER A 368 -1.64 15.18 -8.34
C SER A 368 -2.22 16.49 -7.71
N ILE A 369 -1.60 17.65 -7.93
CA ILE A 369 -2.12 18.89 -7.33
C ILE A 369 -3.58 19.16 -7.82
N ILE A 370 -3.78 19.08 -9.12
CA ILE A 370 -5.09 19.29 -9.70
C ILE A 370 -6.16 18.35 -9.13
N THR A 371 -5.88 17.04 -9.13
CA THR A 371 -6.80 16.05 -8.58
C THR A 371 -7.06 16.36 -7.13
N ASN A 372 -6.02 16.64 -6.37
CA ASN A 372 -6.20 16.95 -4.98
C ASN A 372 -7.08 18.20 -4.83
N LEU A 373 -6.87 19.22 -5.65
CA LEU A 373 -7.66 20.46 -5.53
C LEU A 373 -9.12 20.23 -5.94
N LEU A 374 -9.33 19.40 -6.96
CA LEU A 374 -10.67 19.03 -7.34
C LEU A 374 -11.39 18.23 -6.28
N TYR A 375 -10.66 17.66 -5.33
CA TYR A 375 -11.33 16.96 -4.23
C TYR A 375 -11.05 17.55 -2.88
N HIS A 376 -11.16 18.87 -2.80
CA HIS A 376 -11.28 19.60 -1.55
C HIS A 376 -10.02 19.85 -0.80
N VAL A 377 -8.88 19.39 -1.31
CA VAL A 377 -7.63 19.56 -0.58
C VAL A 377 -7.16 21.03 -0.51
N VAL A 378 -6.71 21.48 0.66
CA VAL A 378 -6.40 22.93 0.82
C VAL A 378 -4.97 23.32 0.56
N GLY A 379 -4.06 22.36 0.52
CA GLY A 379 -2.65 22.66 0.32
C GLY A 379 -1.90 21.45 -0.21
N TRP A 380 -0.66 21.64 -0.61
CA TRP A 380 0.11 20.56 -1.15
C TRP A 380 1.59 20.86 -0.89
N THR A 381 2.26 19.91 -0.25
CA THR A 381 3.62 20.11 0.19
C THR A 381 4.49 19.08 -0.44
N ASP A 382 5.55 19.54 -1.09
CA ASP A 382 6.56 18.65 -1.59
C ASP A 382 7.44 18.09 -0.43
N TRP A 383 8.21 17.04 -0.71
CA TRP A 383 9.21 16.54 0.25
C TRP A 383 10.46 17.43 0.18
N ASN A 384 11.67 16.87 0.28
CA ASN A 384 12.94 17.62 0.27
C ASN A 384 13.00 18.78 -0.72
N LEU A 385 13.35 19.96 -0.22
CA LEU A 385 13.49 21.16 -1.06
C LEU A 385 14.61 20.99 -2.10
N ALA A 386 15.63 20.21 -1.76
CA ALA A 386 16.79 19.98 -2.62
C ALA A 386 17.55 18.71 -2.19
N LEU A 387 18.13 18.04 -3.18
CA LEU A 387 18.91 16.84 -2.96
C LEU A 387 20.15 16.88 -3.83
N ASN A 388 21.09 15.97 -3.61
CA ASN A 388 22.24 15.86 -4.55
C ASN A 388 21.93 15.04 -5.81
N PRO A 389 22.89 14.86 -6.74
CA PRO A 389 22.55 14.07 -7.94
C PRO A 389 22.17 12.61 -7.71
N GLU A 390 22.53 12.09 -6.55
CA GLU A 390 22.30 10.69 -6.19
C GLU A 390 20.92 10.56 -5.52
N GLY A 391 20.32 11.71 -5.17
CA GLY A 391 19.04 11.78 -4.48
C GLY A 391 19.16 11.73 -2.98
N GLY A 392 20.31 12.18 -2.49
CA GLY A 392 20.55 12.13 -1.04
C GLY A 392 21.09 13.43 -0.47
N PRO A 393 21.80 13.34 0.67
CA PRO A 393 22.11 12.08 1.37
C PRO A 393 20.92 11.50 2.16
N ASN A 394 21.05 10.27 2.63
CA ASN A 394 19.97 9.59 3.35
C ASN A 394 20.63 8.39 4.06
N TRP A 395 20.48 8.28 5.38
CA TRP A 395 21.29 7.34 6.15
C TRP A 395 20.98 5.89 5.82
N VAL A 396 19.80 5.62 5.28
CA VAL A 396 19.47 4.29 4.79
C VAL A 396 19.46 4.15 3.27
N ARG A 397 20.00 5.13 2.53
CA ARG A 397 20.04 5.05 1.06
C ARG A 397 18.61 4.95 0.44
N ASN A 398 17.64 5.60 1.11
CA ASN A 398 16.27 5.73 0.61
C ASN A 398 16.10 6.90 -0.39
N PHE A 399 16.98 6.95 -1.40
CA PHE A 399 17.14 8.10 -2.32
C PHE A 399 15.94 8.31 -3.16
N VAL A 400 15.61 9.58 -3.40
CA VAL A 400 14.42 9.94 -4.17
C VAL A 400 14.81 11.16 -5.03
N ASP A 401 13.86 11.70 -5.79
CA ASP A 401 14.10 12.88 -6.60
C ASP A 401 13.64 14.15 -5.83
N SER A 402 14.06 15.32 -6.32
CA SER A 402 13.67 16.63 -5.78
C SER A 402 13.62 17.66 -6.87
N PRO A 403 12.71 18.65 -6.81
CA PRO A 403 12.60 19.72 -7.86
C PRO A 403 13.90 20.53 -8.08
N ILE A 404 14.77 20.57 -7.06
CA ILE A 404 16.09 21.14 -7.22
C ILE A 404 17.19 20.13 -6.86
N ILE A 405 18.13 19.94 -7.78
CA ILE A 405 19.28 19.08 -7.55
C ILE A 405 20.53 19.93 -7.41
N VAL A 406 21.33 19.69 -6.38
CA VAL A 406 22.48 20.53 -6.15
C VAL A 406 23.77 19.78 -6.55
N ASP A 407 24.58 20.39 -7.41
CA ASP A 407 25.83 19.79 -7.84
C ASP A 407 27.00 20.48 -7.13
N ILE A 408 27.33 20.01 -5.94
CA ILE A 408 28.25 20.70 -5.03
C ILE A 408 29.65 21.02 -5.58
N THR A 409 30.23 20.10 -6.36
CA THR A 409 31.59 20.28 -6.77
C THR A 409 31.66 21.30 -7.89
N LYS A 410 30.50 21.76 -8.34
CA LYS A 410 30.49 22.74 -9.41
C LYS A 410 29.80 24.03 -8.97
N ASP A 411 29.35 24.08 -7.72
CA ASP A 411 28.61 25.23 -7.20
C ASP A 411 27.45 25.61 -8.11
N THR A 412 26.76 24.60 -8.63
CA THR A 412 25.57 24.85 -9.44
C THR A 412 24.40 23.97 -8.98
N PHE A 413 23.18 24.36 -9.34
CA PHE A 413 22.00 23.57 -9.01
C PHE A 413 21.09 23.53 -10.18
N TYR A 414 20.33 22.45 -10.30
CA TYR A 414 19.47 22.29 -11.46
C TYR A 414 18.01 22.42 -11.05
N LYS A 415 17.24 23.21 -11.81
CA LYS A 415 15.77 23.29 -11.59
C LYS A 415 15.03 22.37 -12.58
N GLN A 416 14.37 21.34 -12.04
CA GLN A 416 13.80 20.29 -12.87
C GLN A 416 12.40 20.64 -13.25
N PRO A 417 11.80 19.89 -14.20
CA PRO A 417 10.41 20.20 -14.51
C PRO A 417 9.44 20.15 -13.32
N MET A 418 9.68 19.32 -12.31
CA MET A 418 8.82 19.37 -11.13
C MET A 418 8.73 20.78 -10.54
N PHE A 419 9.86 21.49 -10.55
CA PHE A 419 9.90 22.81 -10.00
C PHE A 419 8.87 23.68 -10.70
N TYR A 420 8.79 23.58 -12.03
CA TYR A 420 7.88 24.46 -12.79
C TYR A 420 6.43 24.03 -12.70
N HIS A 421 6.17 22.73 -12.69
CA HIS A 421 4.81 22.25 -12.59
C HIS A 421 4.24 22.70 -11.25
N LEU A 422 5.06 22.61 -10.20
CA LEU A 422 4.74 23.19 -8.91
C LEU A 422 4.48 24.69 -9.00
N GLY A 423 5.41 25.42 -9.61
CA GLY A 423 5.29 26.85 -9.72
C GLY A 423 4.01 27.29 -10.40
N HIS A 424 3.52 26.51 -11.35
CA HIS A 424 2.26 26.86 -12.00
C HIS A 424 1.06 27.06 -11.04
N PHE A 425 1.15 26.46 -9.85
CA PHE A 425 0.15 26.59 -8.80
C PHE A 425 0.58 27.58 -7.75
N SER A 426 1.80 27.40 -7.24
CA SER A 426 2.24 28.13 -6.05
C SER A 426 2.42 29.62 -6.38
N LYS A 427 2.87 29.94 -7.59
CA LYS A 427 3.02 31.33 -7.91
C LYS A 427 1.69 32.06 -8.08
N PHE A 428 0.65 31.37 -8.54
CA PHE A 428 -0.53 32.07 -8.98
C PHE A 428 -1.75 31.79 -8.14
N ILE A 429 -1.60 30.96 -7.10
CA ILE A 429 -2.71 30.64 -6.19
C ILE A 429 -2.40 30.97 -4.73
N PRO A 430 -2.55 32.26 -4.34
CA PRO A 430 -2.17 32.71 -3.00
C PRO A 430 -3.08 32.17 -1.92
N GLU A 431 -2.61 32.20 -0.67
CA GLU A 431 -3.45 31.78 0.45
C GLU A 431 -4.70 32.62 0.49
N GLY A 432 -5.83 31.97 0.63
CA GLY A 432 -7.11 32.67 0.61
C GLY A 432 -7.82 32.46 -0.72
N SER A 433 -7.11 32.07 -1.78
CA SER A 433 -7.78 31.78 -3.05
C SER A 433 -8.82 30.72 -2.75
N GLN A 434 -9.85 30.63 -3.58
CA GLN A 434 -10.93 29.69 -3.33
C GLN A 434 -11.24 28.95 -4.60
N ARG A 435 -11.41 27.63 -4.52
CA ARG A 435 -11.79 26.89 -5.70
C ARG A 435 -13.27 27.08 -6.13
N VAL A 436 -13.49 27.30 -7.43
CA VAL A 436 -14.84 27.45 -7.97
C VAL A 436 -15.05 26.38 -9.05
N GLY A 437 -16.31 26.16 -9.39
CA GLY A 437 -16.67 25.15 -10.35
C GLY A 437 -16.11 25.42 -11.73
N LEU A 438 -15.93 24.34 -12.48
CA LEU A 438 -15.47 24.34 -13.86
C LEU A 438 -16.00 23.07 -14.53
N VAL A 439 -16.76 23.22 -15.60
CA VAL A 439 -17.32 22.07 -16.25
C VAL A 439 -16.82 22.08 -17.69
N ALA A 440 -16.69 20.87 -18.24
CA ALA A 440 -16.22 20.62 -19.57
C ALA A 440 -17.43 20.30 -20.49
N SER A 441 -17.42 20.87 -21.69
CA SER A 441 -18.51 20.60 -22.61
C SER A 441 -18.56 19.15 -23.14
N GLN A 442 -17.45 18.42 -23.09
CA GLN A 442 -17.36 17.03 -23.60
C GLN A 442 -16.14 16.29 -23.01
N LYS A 443 -16.11 14.96 -23.14
CA LYS A 443 -14.95 14.17 -22.69
C LYS A 443 -13.62 14.67 -23.29
N ASN A 444 -12.56 14.63 -22.49
CA ASN A 444 -11.28 15.21 -22.89
C ASN A 444 -10.15 14.66 -22.02
N ASP A 445 -8.92 14.85 -22.47
CA ASP A 445 -7.74 14.33 -21.77
C ASP A 445 -7.02 15.41 -20.96
N LEU A 446 -7.74 16.49 -20.64
CA LEU A 446 -7.13 17.58 -19.85
C LEU A 446 -7.45 17.44 -18.37
N ASP A 447 -6.55 17.98 -17.55
CA ASP A 447 -6.82 18.18 -16.16
C ASP A 447 -6.87 19.69 -15.98
N ALA A 448 -7.97 20.17 -15.38
CA ALA A 448 -8.15 21.61 -15.20
C ALA A 448 -8.88 21.94 -13.92
N VAL A 449 -8.51 23.07 -13.34
CA VAL A 449 -9.11 23.53 -12.09
C VAL A 449 -9.18 25.04 -12.18
N ALA A 450 -10.26 25.62 -11.66
CA ALA A 450 -10.42 27.09 -11.59
C ALA A 450 -10.49 27.57 -10.18
N LEU A 451 -9.86 28.70 -9.94
CA LEU A 451 -9.91 29.32 -8.62
C LEU A 451 -10.08 30.81 -8.71
N MET A 452 -10.61 31.36 -7.61
CA MET A 452 -10.83 32.78 -7.46
C MET A 452 -9.77 33.33 -6.48
N HIS A 453 -9.04 34.37 -6.86
CA HIS A 453 -8.16 35.05 -5.91
C HIS A 453 -9.01 35.80 -4.86
N PRO A 454 -8.39 36.17 -3.72
CA PRO A 454 -9.14 36.98 -2.73
C PRO A 454 -9.68 38.28 -3.33
N ASP A 455 -8.93 38.90 -4.26
CA ASP A 455 -9.42 40.11 -4.92
C ASP A 455 -10.50 39.84 -5.97
N GLY A 456 -10.91 38.58 -6.14
CA GLY A 456 -11.94 38.26 -7.15
C GLY A 456 -11.49 37.88 -8.55
N SER A 457 -10.21 38.08 -8.89
CA SER A 457 -9.67 37.68 -10.19
C SER A 457 -9.57 36.14 -10.39
N ALA A 458 -9.63 35.69 -11.62
CA ALA A 458 -9.64 34.24 -11.95
C ALA A 458 -8.24 33.66 -12.25
N VAL A 459 -8.05 32.41 -11.86
CA VAL A 459 -6.91 31.60 -12.23
C VAL A 459 -7.38 30.20 -12.60
N VAL A 460 -6.86 29.68 -13.71
CA VAL A 460 -7.19 28.36 -14.24
C VAL A 460 -5.90 27.68 -14.69
N VAL A 461 -5.69 26.46 -14.21
CA VAL A 461 -4.52 25.69 -14.61
C VAL A 461 -4.97 24.53 -15.46
N VAL A 462 -4.31 24.33 -16.59
CA VAL A 462 -4.68 23.28 -17.52
C VAL A 462 -3.45 22.44 -17.83
N LEU A 463 -3.51 21.18 -17.44
CA LEU A 463 -2.46 20.19 -17.78
C LEU A 463 -2.96 19.32 -18.91
N ASN A 464 -2.16 19.18 -19.95
CA ASN A 464 -2.52 18.28 -21.04
C ASN A 464 -1.80 16.96 -20.92
N ARG A 465 -2.52 15.92 -20.50
CA ARG A 465 -1.90 14.60 -20.29
C ARG A 465 -1.55 13.81 -21.58
N SER A 466 -2.19 14.16 -22.71
CA SER A 466 -1.95 13.48 -23.97
C SER A 466 -0.90 14.21 -24.80
N SER A 467 -0.53 13.61 -25.93
CA SER A 467 0.50 14.17 -26.81
C SER A 467 -0.09 15.06 -27.93
N LYS A 468 -1.41 15.10 -28.01
CA LYS A 468 -2.09 15.84 -29.04
C LYS A 468 -2.40 17.26 -28.58
N ASP A 469 -2.21 18.24 -29.47
CA ASP A 469 -2.61 19.63 -29.22
C ASP A 469 -4.11 19.76 -29.16
N VAL A 470 -4.61 20.34 -28.07
CA VAL A 470 -6.05 20.50 -27.89
C VAL A 470 -6.44 21.97 -27.92
N PRO A 471 -7.09 22.42 -29.00
CA PRO A 471 -7.65 23.79 -29.02
C PRO A 471 -8.85 23.81 -28.07
N LEU A 472 -9.00 24.88 -27.29
CA LEU A 472 -10.17 24.99 -26.43
C LEU A 472 -10.55 26.43 -26.14
N THR A 473 -11.68 26.58 -25.49
CA THR A 473 -12.20 27.85 -25.06
C THR A 473 -12.59 27.81 -23.60
N ILE A 474 -12.21 28.85 -22.86
CA ILE A 474 -12.65 29.01 -21.47
C ILE A 474 -13.69 30.11 -21.47
N LYS A 475 -14.88 29.79 -20.95
CA LYS A 475 -15.96 30.75 -20.81
C LYS A 475 -16.08 31.18 -19.36
N ASP A 476 -16.04 32.50 -19.14
CA ASP A 476 -16.34 33.13 -17.86
C ASP A 476 -17.69 33.85 -18.02
N PRO A 477 -18.77 33.35 -17.39
CA PRO A 477 -20.17 33.71 -17.61
C PRO A 477 -20.52 35.17 -17.76
N ALA A 478 -19.86 36.10 -17.08
CA ALA A 478 -20.21 37.50 -17.40
C ALA A 478 -19.02 38.39 -17.73
N VAL A 479 -18.06 37.87 -18.48
CA VAL A 479 -16.94 38.69 -18.90
C VAL A 479 -16.55 38.35 -20.32
N GLY A 480 -16.65 37.07 -20.69
CA GLY A 480 -16.34 36.67 -22.06
C GLY A 480 -15.63 35.37 -22.24
N PHE A 481 -14.98 35.21 -23.40
CA PHE A 481 -14.36 33.94 -23.82
C PHE A 481 -12.85 34.08 -24.08
N LEU A 482 -12.08 33.11 -23.60
CA LEU A 482 -10.67 33.01 -23.90
C LEU A 482 -10.50 31.93 -24.94
N GLU A 483 -9.88 32.27 -26.07
CA GLU A 483 -9.66 31.25 -27.10
C GLU A 483 -8.21 30.85 -26.99
N THR A 484 -7.95 29.56 -26.77
CA THR A 484 -6.61 29.13 -26.58
C THR A 484 -6.34 27.73 -27.14
N ILE A 485 -5.06 27.38 -27.15
CA ILE A 485 -4.61 26.03 -27.53
C ILE A 485 -3.79 25.41 -26.38
N SER A 486 -4.09 24.18 -26.01
CA SER A 486 -3.29 23.47 -25.04
C SER A 486 -2.42 22.43 -25.77
N PRO A 487 -1.11 22.70 -25.95
CA PRO A 487 -0.21 21.74 -26.64
C PRO A 487 0.02 20.47 -25.85
N GLY A 488 0.31 19.40 -26.59
CA GLY A 488 0.61 18.10 -25.98
C GLY A 488 1.57 18.14 -24.82
N TYR A 489 1.21 17.45 -23.74
CA TYR A 489 2.04 17.33 -22.55
C TYR A 489 2.25 18.60 -21.73
N SER A 490 1.87 19.75 -22.30
CA SER A 490 2.12 21.05 -21.66
C SER A 490 1.26 21.39 -20.42
N ILE A 491 1.67 22.44 -19.74
CA ILE A 491 0.90 23.00 -18.62
C ILE A 491 0.79 24.50 -18.75
N HIS A 492 -0.43 25.01 -18.52
CA HIS A 492 -0.77 26.46 -18.66
C HIS A 492 -1.44 27.02 -17.40
N THR A 493 -1.07 28.23 -17.00
CA THR A 493 -1.88 28.96 -16.01
C THR A 493 -2.45 30.21 -16.66
N TYR A 494 -3.74 30.47 -16.44
CA TYR A 494 -4.41 31.60 -17.05
C TYR A 494 -4.84 32.49 -15.92
N LEU A 495 -4.64 33.79 -16.11
CA LEU A 495 -5.15 34.76 -15.16
C LEU A 495 -5.86 35.89 -15.87
N TRP A 496 -7.02 36.28 -15.33
CA TRP A 496 -7.67 37.47 -15.80
C TRP A 496 -8.45 38.11 -14.69
N HIS A 497 -8.52 39.44 -14.74
CA HIS A 497 -9.41 40.25 -13.88
C HIS A 497 -10.86 40.20 -14.30
N ARG A 498 -11.76 39.96 -13.37
CA ARG A 498 -13.19 39.92 -13.71
C ARG A 498 -13.91 41.29 -13.60
N GLN A 499 -13.40 42.16 -12.70
CA GLN A 499 -13.59 43.65 -12.76
C GLN A 499 -13.71 44.19 -14.19
N PHE B 2 3.68 -45.21 8.85
CA PHE B 2 4.38 -45.06 10.17
C PHE B 2 4.78 -43.58 10.38
N ALA B 3 4.82 -43.16 11.65
CA ALA B 3 5.32 -41.84 12.02
C ALA B 3 6.86 -41.79 12.09
N ARG B 4 7.45 -41.22 11.03
CA ARG B 4 8.88 -40.91 10.94
C ARG B 4 9.06 -39.48 11.41
N PRO B 5 9.98 -39.25 12.38
CA PRO B 5 10.02 -37.92 12.98
C PRO B 5 10.85 -36.97 12.17
N CYS B 6 10.81 -35.70 12.54
CA CYS B 6 11.56 -34.67 11.85
C CYS B 6 13.07 -34.93 11.98
N ILE B 7 13.82 -34.79 10.90
CA ILE B 7 15.28 -34.67 11.02
C ILE B 7 15.65 -33.18 11.12
N PRO B 8 15.84 -32.66 12.34
CA PRO B 8 16.12 -31.23 12.52
C PRO B 8 17.48 -30.77 11.96
N LYS B 9 17.49 -29.62 11.28
CA LYS B 9 18.72 -28.86 10.98
C LYS B 9 18.55 -27.36 11.21
N SER B 10 19.54 -26.75 11.85
CA SER B 10 19.54 -25.33 12.12
C SER B 10 20.38 -24.61 11.08
N PHE B 11 20.02 -23.38 10.73
CA PHE B 11 20.78 -22.61 9.74
C PHE B 11 21.08 -21.27 10.34
N GLY B 12 20.93 -21.16 11.65
CA GLY B 12 21.36 -19.94 12.32
C GLY B 12 20.23 -19.01 12.73
N TYR B 13 19.00 -19.35 12.34
CA TYR B 13 17.82 -18.57 12.69
C TYR B 13 17.13 -19.17 13.92
N SER B 14 15.90 -18.76 14.21
CA SER B 14 15.33 -19.02 15.55
C SER B 14 14.88 -20.46 15.83
N SER B 15 14.66 -21.23 14.77
CA SER B 15 14.24 -22.61 14.90
C SER B 15 14.81 -23.42 13.77
N VAL B 16 14.39 -24.66 13.67
CA VAL B 16 15.01 -25.62 12.79
C VAL B 16 14.15 -25.83 11.56
N VAL B 17 14.72 -26.43 10.51
CA VAL B 17 13.96 -27.02 9.42
C VAL B 17 13.98 -28.55 9.55
N CYS B 18 13.07 -29.22 8.86
CA CYS B 18 13.07 -30.68 8.76
C CYS B 18 13.59 -31.12 7.42
N VAL B 19 14.64 -31.94 7.45
CA VAL B 19 15.40 -32.31 6.25
C VAL B 19 14.79 -33.55 5.65
N CYS B 20 14.47 -33.48 4.37
CA CYS B 20 13.95 -34.61 3.61
C CYS B 20 14.82 -34.89 2.39
N ASN B 21 14.95 -36.14 2.03
CA ASN B 21 15.73 -36.50 0.85
C ASN B 21 15.03 -37.63 0.07
N ALA B 22 15.79 -38.36 -0.75
CA ALA B 22 15.15 -39.33 -1.67
C ALA B 22 14.54 -40.53 -0.93
N THR B 23 15.09 -40.85 0.24
CA THR B 23 14.65 -42.03 0.99
C THR B 23 13.94 -41.69 2.28
N TYR B 24 13.92 -40.42 2.66
CA TYR B 24 13.44 -40.08 3.99
C TYR B 24 12.79 -38.72 4.05
N CYS B 25 11.53 -38.72 4.54
CA CYS B 25 10.81 -37.52 4.94
C CYS B 25 10.02 -37.77 6.22
N ASP B 26 9.79 -36.74 7.02
CA ASP B 26 9.01 -36.95 8.25
C ASP B 26 7.53 -37.07 7.92
N SER B 27 6.76 -37.79 8.72
CA SER B 27 5.31 -37.95 8.42
C SER B 27 4.48 -38.27 9.66
N PHE B 28 3.17 -37.96 9.68
CA PHE B 28 2.38 -38.58 10.75
C PHE B 28 1.54 -39.79 10.38
N ALA B 35 -10.00 -41.49 21.40
CA ALA B 35 -10.87 -42.20 22.31
C ALA B 35 -11.92 -41.22 22.90
N LEU B 36 -13.01 -41.73 23.49
CA LEU B 36 -14.04 -40.82 24.08
C LEU B 36 -13.65 -40.40 25.49
N GLY B 37 -14.13 -39.23 25.90
CA GLY B 37 -13.64 -38.57 27.12
C GLY B 37 -12.18 -38.11 27.03
N THR B 38 -11.61 -38.19 25.84
CA THR B 38 -10.20 -37.87 25.60
C THR B 38 -10.07 -36.84 24.48
N PHE B 39 -9.11 -35.95 24.63
CA PHE B 39 -8.72 -35.05 23.55
C PHE B 39 -7.32 -35.30 23.04
N SER B 40 -7.12 -34.94 21.78
CA SER B 40 -5.81 -34.95 21.15
C SER B 40 -5.26 -33.53 21.04
N ARG B 41 -3.94 -33.44 21.15
CA ARG B 41 -3.24 -32.20 21.01
C ARG B 41 -2.07 -32.44 20.06
N TYR B 42 -1.88 -31.53 19.10
CA TYR B 42 -0.73 -31.50 18.22
C TYR B 42 0.06 -30.23 18.49
N GLU B 43 1.35 -30.37 18.81
CA GLU B 43 2.13 -29.26 19.28
C GLU B 43 3.32 -29.02 18.36
N SER B 44 3.51 -27.75 17.98
CA SER B 44 4.73 -27.29 17.36
C SER B 44 5.33 -26.12 18.18
N THR B 45 6.62 -26.23 18.47
CA THR B 45 7.32 -25.26 19.28
C THR B 45 8.53 -24.74 18.52
N ARG B 46 8.96 -23.54 18.89
CA ARG B 46 10.18 -22.96 18.37
C ARG B 46 11.40 -23.80 18.75
N SER B 47 11.33 -24.49 19.89
CA SER B 47 12.46 -25.25 20.38
C SER B 47 12.66 -26.54 19.55
N GLY B 48 11.67 -26.91 18.73
CA GLY B 48 11.87 -28.03 17.84
C GLY B 48 10.76 -29.06 17.72
N ARG B 49 9.71 -28.97 18.55
CA ARG B 49 8.66 -29.96 18.44
C ARG B 49 7.84 -29.72 17.17
N ARG B 50 7.55 -30.80 16.43
CA ARG B 50 6.89 -30.67 15.11
C ARG B 50 5.65 -31.54 15.00
N MET B 51 4.49 -30.89 15.16
CA MET B 51 3.19 -31.54 15.21
C MET B 51 3.22 -32.80 16.07
N GLU B 52 3.70 -32.69 17.30
CA GLU B 52 3.80 -33.85 18.17
C GLU B 52 2.45 -34.19 18.81
N LEU B 53 2.12 -35.47 18.83
CA LEU B 53 0.85 -35.95 19.38
C LEU B 53 0.92 -36.18 20.87
N SER B 54 -0.12 -35.77 21.59
CA SER B 54 -0.24 -36.07 23.01
C SER B 54 -1.71 -36.05 23.36
N MET B 55 -2.08 -36.72 24.43
CA MET B 55 -3.47 -36.72 24.86
C MET B 55 -3.70 -36.32 26.31
N GLY B 56 -4.97 -36.12 26.60
CA GLY B 56 -5.36 -35.73 27.93
C GLY B 56 -6.80 -36.09 28.13
N PRO B 57 -7.26 -35.97 29.36
CA PRO B 57 -8.64 -36.23 29.71
C PRO B 57 -9.53 -34.98 29.57
N ILE B 58 -10.75 -35.17 29.10
CA ILE B 58 -11.77 -34.15 29.22
C ILE B 58 -12.36 -34.34 30.60
N GLN B 59 -12.69 -33.27 31.29
CA GLN B 59 -13.15 -33.37 32.65
C GLN B 59 -14.47 -32.69 32.91
N ALA B 60 -15.23 -33.21 33.88
CA ALA B 60 -16.54 -32.65 34.22
C ALA B 60 -16.53 -31.23 34.83
N ASN B 61 -15.66 -30.94 35.80
CA ASN B 61 -15.68 -29.62 36.48
C ASN B 61 -14.38 -28.85 36.26
N HIS B 62 -14.37 -27.59 36.67
CA HIS B 62 -13.19 -26.76 36.64
C HIS B 62 -13.35 -25.63 37.67
N THR B 63 -12.42 -25.49 38.60
CA THR B 63 -12.42 -24.27 39.42
C THR B 63 -11.15 -23.50 39.09
N GLY B 64 -11.13 -22.22 39.46
CA GLY B 64 -9.95 -21.40 39.33
C GLY B 64 -10.31 -20.21 38.50
N THR B 65 -9.53 -19.15 38.59
CA THR B 65 -9.86 -17.95 37.83
C THR B 65 -8.93 -17.76 36.65
N GLY B 66 -8.16 -18.80 36.28
CA GLY B 66 -7.32 -18.70 35.08
C GLY B 66 -8.06 -18.45 33.77
N LEU B 67 -7.29 -18.29 32.70
CA LEU B 67 -7.86 -18.12 31.36
C LEU B 67 -8.70 -19.32 30.92
N LEU B 68 -9.96 -19.02 30.61
CA LEU B 68 -10.95 -19.97 30.12
C LEU B 68 -11.44 -19.58 28.69
N LEU B 69 -11.40 -20.52 27.76
CA LEU B 69 -11.92 -20.30 26.42
C LEU B 69 -13.16 -21.16 26.27
N THR B 70 -14.30 -20.51 26.06
CA THR B 70 -15.56 -21.23 25.98
C THR B 70 -16.10 -21.35 24.56
N LEU B 71 -16.28 -22.58 24.13
CA LEU B 71 -16.90 -22.85 22.85
C LEU B 71 -18.35 -22.45 22.88
N GLN B 72 -18.81 -21.88 21.77
CA GLN B 72 -20.22 -21.61 21.56
C GLN B 72 -20.69 -22.30 20.28
N PRO B 73 -20.94 -23.60 20.37
CA PRO B 73 -21.16 -24.39 19.18
C PRO B 73 -22.49 -24.12 18.46
N GLU B 74 -23.35 -23.29 19.05
CA GLU B 74 -24.63 -22.92 18.50
C GLU B 74 -24.50 -21.64 17.64
N GLN B 75 -23.39 -20.92 17.85
CA GLN B 75 -23.03 -19.82 17.01
C GLN B 75 -22.27 -20.33 15.78
N LYS B 76 -22.96 -20.35 14.64
CA LYS B 76 -22.41 -20.87 13.42
C LYS B 76 -21.99 -19.75 12.50
N PHE B 77 -20.81 -19.88 11.88
CA PHE B 77 -20.35 -18.86 10.97
C PHE B 77 -20.08 -19.49 9.62
N GLN B 78 -18.91 -19.24 9.03
CA GLN B 78 -18.63 -19.65 7.63
C GLN B 78 -18.22 -21.12 7.55
N LYS B 79 -18.55 -21.77 6.43
CA LYS B 79 -18.02 -23.07 6.14
C LYS B 79 -16.72 -22.93 5.38
N VAL B 80 -15.83 -23.88 5.58
CA VAL B 80 -14.48 -23.78 5.10
C VAL B 80 -14.33 -24.44 3.73
N LYS B 81 -13.67 -23.74 2.82
CA LYS B 81 -13.40 -24.29 1.52
C LYS B 81 -12.16 -25.18 1.59
N GLY B 82 -11.08 -24.63 2.13
CA GLY B 82 -9.83 -25.36 2.24
C GLY B 82 -8.58 -24.51 2.26
N PHE B 83 -7.45 -25.19 2.05
CA PHE B 83 -6.11 -24.60 2.19
C PHE B 83 -5.22 -25.18 1.13
N GLY B 84 -4.30 -24.40 0.62
CA GLY B 84 -3.32 -24.99 -0.28
C GLY B 84 -2.23 -24.05 -0.69
N GLY B 85 -1.72 -24.20 -1.91
CA GLY B 85 -0.67 -23.32 -2.40
C GLY B 85 -0.61 -23.31 -3.91
N ALA B 86 0.41 -22.60 -4.46
CA ALA B 86 0.46 -22.27 -5.86
C ALA B 86 1.48 -23.10 -6.61
N MET B 87 1.06 -23.58 -7.78
CA MET B 87 1.91 -24.32 -8.68
C MET B 87 2.41 -23.37 -9.75
N THR B 88 3.37 -22.54 -9.38
CA THR B 88 4.01 -21.64 -10.33
C THR B 88 5.01 -22.43 -11.17
N ASP B 89 5.49 -21.82 -12.26
CA ASP B 89 6.60 -22.38 -13.03
C ASP B 89 7.79 -22.64 -12.11
N ALA B 90 8.10 -21.68 -11.23
CA ALA B 90 9.22 -21.85 -10.35
C ALA B 90 9.02 -23.03 -9.40
N ALA B 91 7.82 -23.24 -8.93
CA ALA B 91 7.60 -24.32 -8.00
C ALA B 91 7.78 -25.65 -8.74
N ALA B 92 7.27 -25.73 -9.96
CA ALA B 92 7.40 -26.94 -10.74
C ALA B 92 8.87 -27.18 -11.02
N LEU B 93 9.59 -26.18 -11.52
CA LEU B 93 11.02 -26.38 -11.83
C LEU B 93 11.82 -26.91 -10.66
N ASN B 94 11.53 -26.36 -9.48
CA ASN B 94 12.21 -26.77 -8.29
C ASN B 94 11.93 -28.23 -7.90
N ILE B 95 10.65 -28.60 -7.93
CA ILE B 95 10.20 -29.91 -7.52
C ILE B 95 10.73 -30.96 -8.52
N LEU B 96 10.77 -30.58 -9.81
CA LEU B 96 11.18 -31.47 -10.85
C LEU B 96 12.68 -31.58 -10.92
N ALA B 97 13.40 -30.78 -10.14
CA ALA B 97 14.85 -30.87 -10.12
C ALA B 97 15.33 -31.88 -9.09
N LEU B 98 14.45 -32.37 -8.22
CA LEU B 98 14.80 -33.47 -7.31
C LEU B 98 14.63 -34.79 -8.05
N SER B 99 15.17 -35.88 -7.50
CA SER B 99 14.99 -37.21 -8.07
C SER B 99 13.56 -37.66 -7.82
N PRO B 100 12.98 -38.49 -8.73
CA PRO B 100 11.55 -38.83 -8.55
C PRO B 100 11.13 -39.31 -7.15
N PRO B 101 11.93 -40.16 -6.47
CA PRO B 101 11.48 -40.54 -5.11
C PRO B 101 11.33 -39.35 -4.14
N ALA B 102 12.25 -38.40 -4.24
CA ALA B 102 12.24 -37.20 -3.45
C ALA B 102 11.07 -36.32 -3.85
N GLN B 103 10.75 -36.27 -5.14
CA GLN B 103 9.58 -35.55 -5.62
C GLN B 103 8.32 -36.11 -4.98
N ASN B 104 8.22 -37.46 -4.91
CA ASN B 104 7.04 -38.09 -4.32
C ASN B 104 6.94 -37.78 -2.84
N LEU B 105 8.09 -37.70 -2.17
CA LEU B 105 8.00 -37.32 -0.75
C LEU B 105 7.51 -35.86 -0.57
N LEU B 106 7.96 -34.97 -1.48
CA LEU B 106 7.59 -33.59 -1.38
C LEU B 106 6.07 -33.40 -1.61
N LEU B 107 5.53 -34.09 -2.61
CA LEU B 107 4.11 -34.01 -2.90
C LEU B 107 3.26 -34.72 -1.85
N LYS B 108 3.75 -35.82 -1.30
CA LYS B 108 3.06 -36.49 -0.20
C LYS B 108 3.00 -35.60 1.02
N SER B 109 4.11 -34.93 1.35
CA SER B 109 4.15 -33.89 2.37
C SER B 109 2.96 -32.94 2.33
N TYR B 110 2.63 -32.46 1.13
CA TYR B 110 1.54 -31.54 0.93
C TYR B 110 0.17 -32.20 0.83
N PHE B 111 0.07 -33.27 0.04
CA PHE B 111 -1.25 -33.67 -0.46
C PHE B 111 -1.84 -34.94 0.13
N SER B 112 -0.97 -35.79 0.68
CA SER B 112 -1.43 -37.08 1.19
C SER B 112 -1.84 -37.04 2.65
N GLU B 113 -2.52 -38.09 3.09
CA GLU B 113 -2.92 -38.24 4.50
C GLU B 113 -1.71 -38.41 5.40
N GLU B 114 -0.61 -38.88 4.84
CA GLU B 114 0.63 -38.90 5.57
C GLU B 114 1.28 -37.52 5.72
N GLY B 115 0.81 -36.54 4.93
CA GLY B 115 1.25 -35.17 5.03
C GLY B 115 0.17 -34.29 5.63
N ILE B 116 0.00 -33.08 5.07
CA ILE B 116 -0.86 -32.05 5.69
C ILE B 116 -2.19 -31.81 4.97
N GLY B 117 -2.45 -32.61 3.93
CA GLY B 117 -3.77 -32.61 3.29
C GLY B 117 -4.20 -31.33 2.60
N TYR B 118 -3.32 -30.70 1.83
CA TYR B 118 -3.74 -29.56 1.02
C TYR B 118 -4.91 -29.96 0.15
N ASN B 119 -5.86 -29.08 -0.05
CA ASN B 119 -6.95 -29.41 -0.95
C ASN B 119 -7.24 -28.29 -1.99
N ILE B 120 -6.32 -27.33 -2.08
CA ILE B 120 -6.42 -26.27 -3.08
C ILE B 120 -5.07 -26.12 -3.74
N ILE B 121 -5.11 -25.95 -5.07
CA ILE B 121 -3.93 -25.58 -5.84
C ILE B 121 -4.21 -24.35 -6.73
N ARG B 122 -3.45 -23.27 -6.53
CA ARG B 122 -3.58 -22.12 -7.43
C ARG B 122 -2.65 -22.33 -8.61
N VAL B 123 -3.11 -21.94 -9.80
CA VAL B 123 -2.42 -22.16 -11.07
C VAL B 123 -2.42 -20.84 -11.84
N PRO B 124 -1.24 -20.23 -12.07
CA PRO B 124 -1.26 -19.04 -12.87
C PRO B 124 -1.63 -19.37 -14.31
N MET B 125 -2.36 -18.47 -14.95
CA MET B 125 -2.67 -18.56 -16.39
C MET B 125 -1.54 -17.90 -17.15
N ALA B 126 -0.65 -18.71 -17.72
CA ALA B 126 0.57 -18.23 -18.36
C ALA B 126 1.56 -17.63 -17.35
N SER B 127 2.58 -16.90 -17.82
CA SER B 127 3.72 -16.48 -17.01
C SER B 127 3.43 -15.42 -15.92
N CYS B 128 4.15 -15.51 -14.81
CA CYS B 128 4.19 -14.41 -13.84
C CYS B 128 5.65 -14.11 -13.49
N ASP B 129 5.91 -13.43 -12.38
CA ASP B 129 7.29 -13.16 -12.01
C ASP B 129 7.99 -14.46 -11.69
N PHE B 130 7.29 -15.43 -11.12
CA PHE B 130 7.88 -16.73 -10.84
C PHE B 130 7.88 -17.67 -12.07
N SER B 131 8.36 -17.14 -13.19
CA SER B 131 8.64 -17.90 -14.42
C SER B 131 10.06 -17.52 -14.82
N ILE B 132 10.78 -18.39 -15.54
CA ILE B 132 12.08 -18.00 -16.09
C ILE B 132 12.00 -17.34 -17.49
N ARG B 133 10.78 -17.17 -18.02
CA ARG B 133 10.53 -16.40 -19.24
C ARG B 133 9.10 -15.85 -19.33
N THR B 134 8.88 -15.06 -20.36
CA THR B 134 7.83 -14.10 -20.47
C THR B 134 6.99 -14.62 -21.61
N TYR B 135 5.80 -15.15 -21.32
CA TYR B 135 4.96 -15.70 -22.38
C TYR B 135 3.48 -15.57 -22.04
N THR B 136 2.62 -15.65 -23.05
CA THR B 136 1.21 -15.88 -22.81
C THR B 136 0.77 -17.05 -23.69
N TYR B 137 -0.52 -17.37 -23.69
CA TYR B 137 -0.98 -18.46 -24.52
C TYR B 137 -1.39 -18.02 -25.93
N ALA B 138 -1.40 -16.71 -26.17
CA ALA B 138 -1.76 -16.18 -27.47
C ALA B 138 -0.84 -15.02 -27.87
N ASP B 139 0.44 -15.33 -28.09
CA ASP B 139 1.46 -14.33 -28.38
C ASP B 139 1.56 -13.88 -29.85
N THR B 140 0.99 -14.64 -30.78
CA THR B 140 0.81 -14.17 -32.17
C THR B 140 0.03 -12.85 -32.25
N PRO B 141 0.62 -11.79 -32.83
CA PRO B 141 -0.04 -10.47 -32.82
C PRO B 141 -1.42 -10.51 -33.50
N ASP B 142 -2.37 -9.81 -32.90
CA ASP B 142 -3.68 -9.56 -33.46
C ASP B 142 -4.48 -10.83 -33.77
N ASP B 143 -4.15 -11.89 -33.06
CA ASP B 143 -4.91 -13.15 -33.13
C ASP B 143 -6.28 -13.02 -32.41
N PHE B 144 -7.12 -12.08 -32.86
CA PHE B 144 -8.42 -11.88 -32.21
C PHE B 144 -9.27 -13.13 -32.20
N GLN B 145 -8.97 -14.04 -33.12
CA GLN B 145 -9.68 -15.32 -33.21
C GLN B 145 -9.23 -16.32 -32.15
N LEU B 146 -8.05 -16.07 -31.59
CA LEU B 146 -7.36 -17.03 -30.76
C LEU B 146 -7.15 -18.37 -31.46
N HIS B 147 -6.76 -18.33 -32.73
CA HIS B 147 -6.42 -19.57 -33.45
C HIS B 147 -5.08 -20.18 -33.04
N ASN B 148 -4.09 -19.34 -32.77
CA ASN B 148 -2.78 -19.81 -32.34
C ASN B 148 -2.65 -19.85 -30.80
N PHE B 149 -3.75 -20.10 -30.10
CA PHE B 149 -3.72 -20.25 -28.66
C PHE B 149 -3.21 -21.62 -28.32
N SER B 150 -2.12 -21.69 -27.55
CA SER B 150 -1.66 -22.99 -27.03
C SER B 150 -0.95 -22.97 -25.69
N LEU B 151 -0.95 -24.09 -25.00
CA LEU B 151 -0.16 -24.25 -23.81
C LEU B 151 1.28 -24.62 -24.15
N PRO B 152 2.27 -23.87 -23.60
CA PRO B 152 3.65 -24.23 -23.85
C PRO B 152 4.09 -25.42 -22.97
N GLU B 153 5.38 -25.72 -22.99
CA GLU B 153 5.91 -26.79 -22.19
C GLU B 153 5.84 -26.51 -20.66
N GLU B 154 5.88 -25.25 -20.26
CA GLU B 154 5.68 -24.93 -18.86
C GLU B 154 4.37 -25.54 -18.34
N ASP B 155 3.33 -25.60 -19.19
CA ASP B 155 2.09 -26.29 -18.82
C ASP B 155 2.10 -27.79 -19.06
N THR B 156 2.51 -28.18 -20.26
CA THR B 156 2.28 -29.59 -20.68
C THR B 156 3.29 -30.55 -20.12
N LYS B 157 4.51 -30.07 -19.88
CA LYS B 157 5.59 -30.92 -19.34
C LYS B 157 5.86 -30.62 -17.85
N LEU B 158 5.44 -29.44 -17.37
CA LEU B 158 5.77 -29.07 -15.99
C LEU B 158 4.57 -29.09 -15.04
N LYS B 159 3.70 -28.10 -15.18
CA LYS B 159 2.60 -27.85 -14.23
C LYS B 159 1.58 -28.99 -14.24
N ILE B 160 1.08 -29.33 -15.43
CA ILE B 160 0.01 -30.31 -15.55
C ILE B 160 0.40 -31.68 -15.01
N PRO B 161 1.55 -32.22 -15.44
CA PRO B 161 1.87 -33.55 -14.88
C PRO B 161 2.02 -33.55 -13.33
N LEU B 162 2.68 -32.51 -12.79
CA LEU B 162 2.74 -32.28 -11.32
C LEU B 162 1.36 -32.13 -10.58
N ILE B 163 0.45 -31.37 -11.15
CA ILE B 163 -0.89 -31.30 -10.64
C ILE B 163 -1.53 -32.69 -10.64
N HIS B 164 -1.42 -33.45 -11.73
CA HIS B 164 -1.94 -34.84 -11.74
C HIS B 164 -1.36 -35.68 -10.62
N ARG B 165 -0.04 -35.65 -10.43
CA ARG B 165 0.56 -36.49 -9.40
C ARG B 165 -0.02 -36.09 -8.05
N ALA B 166 -0.16 -34.77 -7.86
CA ALA B 166 -0.78 -34.21 -6.65
C ALA B 166 -2.15 -34.84 -6.39
N LEU B 167 -3.07 -34.73 -7.36
CA LEU B 167 -4.42 -35.34 -7.24
C LEU B 167 -4.38 -36.85 -7.00
N GLN B 168 -3.40 -37.54 -7.56
CA GLN B 168 -3.29 -38.97 -7.39
C GLN B 168 -2.94 -39.36 -5.95
N LEU B 169 -2.23 -38.48 -5.25
CA LEU B 169 -1.76 -38.75 -3.90
C LEU B 169 -2.71 -38.20 -2.88
N ALA B 170 -3.63 -37.35 -3.33
CA ALA B 170 -4.53 -36.65 -2.40
C ALA B 170 -5.46 -37.57 -1.64
N GLN B 171 -5.36 -37.41 -0.32
CA GLN B 171 -6.34 -37.80 0.70
C GLN B 171 -7.75 -37.37 0.25
N ARG B 172 -7.91 -36.06 0.04
CA ARG B 172 -9.19 -35.34 -0.09
C ARG B 172 -9.39 -34.83 -1.54
N PRO B 173 -10.64 -34.51 -1.95
CA PRO B 173 -10.76 -33.87 -3.29
C PRO B 173 -10.09 -32.47 -3.36
N VAL B 174 -9.35 -32.23 -4.45
CA VAL B 174 -8.58 -31.01 -4.60
C VAL B 174 -9.23 -30.04 -5.59
N SER B 175 -9.36 -28.78 -5.17
CA SER B 175 -9.95 -27.73 -5.99
C SER B 175 -8.86 -26.90 -6.66
N LEU B 176 -8.95 -26.71 -7.98
CA LEU B 176 -7.97 -25.86 -8.64
C LEU B 176 -8.51 -24.44 -8.75
N LEU B 177 -7.64 -23.48 -8.65
CA LEU B 177 -8.03 -22.11 -8.81
C LEU B 177 -7.06 -21.51 -9.86
N ALA B 178 -7.57 -20.73 -10.81
CA ALA B 178 -6.69 -20.12 -11.82
C ALA B 178 -6.72 -18.60 -11.80
N SER B 179 -5.59 -17.96 -12.13
CA SER B 179 -5.52 -16.48 -12.13
C SER B 179 -4.56 -16.05 -13.22
N PRO B 180 -4.96 -15.07 -14.04
CA PRO B 180 -4.03 -14.55 -15.02
C PRO B 180 -3.25 -13.34 -14.45
N TRP B 181 -1.96 -13.18 -14.82
CA TRP B 181 -1.24 -11.93 -14.51
C TRP B 181 -1.42 -10.93 -15.63
N THR B 182 -1.08 -11.34 -16.85
CA THR B 182 -1.17 -10.46 -18.03
C THR B 182 -1.90 -11.11 -19.21
N SER B 183 -2.58 -10.28 -20.00
CA SER B 183 -3.06 -10.69 -21.31
C SER B 183 -1.93 -10.60 -22.36
N PRO B 184 -2.15 -11.17 -23.57
CA PRO B 184 -1.32 -10.84 -24.74
C PRO B 184 -1.13 -9.32 -24.87
N THR B 185 0.09 -8.92 -25.23
CA THR B 185 0.47 -7.53 -25.17
C THR B 185 -0.30 -6.71 -26.19
N TRP B 186 -0.68 -7.38 -27.30
CA TRP B 186 -1.46 -6.75 -28.36
C TRP B 186 -2.89 -6.42 -27.91
N LEU B 187 -3.34 -6.92 -26.76
CA LEU B 187 -4.62 -6.49 -26.23
C LEU B 187 -4.49 -5.32 -25.22
N LYS B 188 -3.25 -4.86 -24.97
CA LYS B 188 -3.01 -3.94 -23.89
C LYS B 188 -2.65 -2.56 -24.38
N THR B 189 -3.07 -1.52 -23.63
CA THR B 189 -2.83 -0.12 -23.98
C THR B 189 -1.36 0.23 -24.12
N ASN B 190 -0.46 -0.50 -23.48
CA ASN B 190 0.94 -0.12 -23.51
C ASN B 190 1.83 -1.08 -24.28
N GLY B 191 1.21 -2.13 -24.83
CA GLY B 191 1.90 -3.10 -25.64
C GLY B 191 3.06 -3.79 -24.97
N ALA B 192 2.97 -4.05 -23.66
CA ALA B 192 4.02 -4.80 -22.94
C ALA B 192 3.43 -5.67 -21.81
N VAL B 193 4.18 -6.66 -21.34
CA VAL B 193 3.65 -7.54 -20.29
C VAL B 193 3.59 -6.90 -18.90
N ASN B 194 4.43 -5.89 -18.67
CA ASN B 194 4.46 -5.15 -17.41
C ASN B 194 4.20 -3.66 -17.65
N GLY B 195 4.52 -2.81 -16.68
CA GLY B 195 4.19 -1.37 -16.79
C GLY B 195 2.71 -1.01 -16.56
N LYS B 196 2.40 0.27 -16.56
CA LYS B 196 1.03 0.74 -16.41
C LYS B 196 0.35 0.51 -17.75
N GLY B 197 -0.79 -0.17 -17.71
CA GLY B 197 -1.50 -0.49 -18.93
C GLY B 197 -2.62 -1.44 -18.66
N SER B 198 -3.72 -1.25 -19.36
CA SER B 198 -4.85 -2.14 -19.20
C SER B 198 -5.28 -2.62 -20.58
N LEU B 199 -6.44 -3.28 -20.65
CA LEU B 199 -7.00 -3.65 -21.94
C LEU B 199 -7.29 -2.39 -22.74
N LYS B 200 -7.03 -2.43 -24.04
CA LYS B 200 -7.45 -1.35 -24.92
C LYS B 200 -9.00 -1.24 -24.95
N GLY B 201 -9.49 -0.07 -25.36
CA GLY B 201 -10.94 0.10 -25.51
C GLY B 201 -11.76 0.07 -24.23
N GLN B 202 -12.96 -0.49 -24.33
CA GLN B 202 -13.91 -0.44 -23.24
C GLN B 202 -14.67 -1.77 -23.15
N PRO B 203 -15.12 -2.14 -21.94
CA PRO B 203 -15.76 -3.45 -21.85
C PRO B 203 -16.95 -3.58 -22.80
N GLY B 204 -17.22 -4.79 -23.29
CA GLY B 204 -18.25 -5.03 -24.27
C GLY B 204 -17.74 -5.07 -25.72
N ASP B 205 -16.50 -4.60 -25.93
CA ASP B 205 -15.92 -4.48 -27.25
C ASP B 205 -15.02 -5.66 -27.61
N ILE B 206 -14.40 -5.58 -28.77
CA ILE B 206 -13.66 -6.71 -29.26
C ILE B 206 -12.49 -7.17 -28.39
N TYR B 207 -11.74 -6.21 -27.84
CA TYR B 207 -10.58 -6.50 -26.97
C TYR B 207 -11.02 -7.28 -25.75
N HIS B 208 -12.10 -6.81 -25.13
CA HIS B 208 -12.68 -7.46 -23.97
C HIS B 208 -13.37 -8.77 -24.26
N GLN B 209 -14.01 -8.94 -25.43
CA GLN B 209 -14.59 -10.26 -25.70
C GLN B 209 -13.49 -11.29 -26.01
N THR B 210 -12.42 -10.84 -26.66
CA THR B 210 -11.25 -11.69 -26.85
C THR B 210 -10.64 -12.14 -25.53
N TRP B 211 -10.50 -11.21 -24.58
CA TRP B 211 -9.86 -11.53 -23.31
C TRP B 211 -10.69 -12.53 -22.50
N ALA B 212 -12.01 -12.34 -22.50
CA ALA B 212 -12.92 -13.28 -21.87
C ALA B 212 -12.83 -14.61 -22.60
N ARG B 213 -12.81 -14.58 -23.93
CA ARG B 213 -12.68 -15.81 -24.69
C ARG B 213 -11.45 -16.63 -24.33
N TYR B 214 -10.34 -15.94 -24.05
CA TYR B 214 -9.08 -16.55 -23.55
C TYR B 214 -9.26 -17.35 -22.23
N PHE B 215 -10.00 -16.82 -21.26
CA PHE B 215 -10.34 -17.62 -20.08
C PHE B 215 -10.95 -18.99 -20.47
N VAL B 216 -11.94 -18.96 -21.38
CA VAL B 216 -12.57 -20.19 -21.84
C VAL B 216 -11.62 -21.07 -22.61
N LYS B 217 -10.77 -20.44 -23.44
CA LYS B 217 -9.74 -21.22 -24.16
C LYS B 217 -8.82 -21.93 -23.18
N PHE B 218 -8.48 -21.24 -22.10
CA PHE B 218 -7.62 -21.77 -21.06
C PHE B 218 -8.26 -22.99 -20.42
N LEU B 219 -9.53 -22.82 -20.00
CA LEU B 219 -10.31 -23.90 -19.35
C LEU B 219 -10.52 -25.11 -20.27
N ASP B 220 -10.67 -24.83 -21.56
CA ASP B 220 -10.78 -25.85 -22.62
C ASP B 220 -9.50 -26.68 -22.73
N ALA B 221 -8.36 -25.99 -22.87
CA ALA B 221 -7.05 -26.67 -22.91
C ALA B 221 -6.74 -27.53 -21.68
N TYR B 222 -7.08 -27.05 -20.48
CA TYR B 222 -6.79 -27.82 -19.28
C TYR B 222 -7.69 -29.02 -19.19
N ALA B 223 -8.94 -28.85 -19.61
CA ALA B 223 -9.89 -29.99 -19.66
C ALA B 223 -9.42 -31.10 -20.67
N GLU B 224 -8.82 -30.72 -21.79
CA GLU B 224 -8.27 -31.74 -22.70
C GLU B 224 -7.25 -32.62 -21.99
N HIS B 225 -6.58 -32.06 -20.97
CA HIS B 225 -5.61 -32.77 -20.16
C HIS B 225 -6.24 -33.31 -18.94
N LYS B 226 -7.57 -33.30 -18.93
CA LYS B 226 -8.36 -33.89 -17.84
C LYS B 226 -8.21 -33.18 -16.49
N LEU B 227 -8.05 -31.86 -16.50
CA LEU B 227 -8.10 -31.06 -15.27
C LEU B 227 -9.24 -30.09 -15.32
N GLN B 228 -10.05 -30.05 -14.28
CA GLN B 228 -11.07 -29.01 -14.22
C GLN B 228 -10.88 -28.04 -13.03
N PHE B 229 -11.41 -26.84 -13.19
CA PHE B 229 -11.20 -25.81 -12.19
C PHE B 229 -12.40 -25.64 -11.32
N TRP B 230 -12.15 -25.48 -10.02
CA TRP B 230 -13.17 -25.06 -9.09
C TRP B 230 -13.47 -23.58 -9.38
N ALA B 231 -12.45 -22.72 -9.49
CA ALA B 231 -12.70 -21.30 -9.64
C ALA B 231 -11.65 -20.57 -10.48
N VAL B 232 -12.00 -19.40 -10.99
CA VAL B 232 -11.05 -18.49 -11.59
C VAL B 232 -11.17 -17.12 -10.93
N THR B 233 -10.10 -16.32 -10.97
CA THR B 233 -10.19 -14.94 -10.47
C THR B 233 -10.20 -14.05 -11.69
N ALA B 234 -10.72 -12.84 -11.53
CA ALA B 234 -10.89 -11.99 -12.68
C ALA B 234 -9.55 -11.46 -13.18
N GLU B 235 -8.53 -11.47 -12.33
CA GLU B 235 -7.22 -10.87 -12.64
C GLU B 235 -6.39 -10.86 -11.38
N ASN B 236 -5.13 -11.33 -11.45
CA ASN B 236 -4.26 -11.19 -10.28
C ASN B 236 -3.99 -9.71 -10.01
N GLU B 237 -4.34 -9.23 -8.82
CA GLU B 237 -3.91 -7.87 -8.38
C GLU B 237 -4.11 -6.82 -9.45
N PRO B 238 -5.39 -6.60 -9.85
CA PRO B 238 -5.79 -5.60 -10.84
C PRO B 238 -5.24 -4.23 -10.54
N SER B 239 -5.05 -3.88 -9.27
CA SER B 239 -4.48 -2.57 -8.96
C SER B 239 -3.03 -2.40 -9.44
N ALA B 240 -2.30 -3.50 -9.58
CA ALA B 240 -0.91 -3.47 -10.05
C ALA B 240 -0.74 -2.74 -11.37
N GLY B 241 -1.53 -3.11 -12.35
CA GLY B 241 -1.41 -2.48 -13.66
C GLY B 241 -1.79 -1.02 -13.68
N LEU B 242 -2.16 -0.47 -12.53
CA LEU B 242 -2.50 0.95 -12.47
C LEU B 242 -1.26 1.74 -12.10
N LEU B 243 -0.18 1.03 -11.82
CA LEU B 243 1.00 1.64 -11.27
C LEU B 243 2.11 1.74 -12.31
N SER B 244 2.39 3.00 -12.62
CA SER B 244 3.49 3.43 -13.48
C SER B 244 4.74 2.64 -13.13
N GLY B 245 5.27 1.93 -14.10
CA GLY B 245 6.53 1.24 -13.93
C GLY B 245 6.43 -0.21 -13.52
N TYR B 246 5.24 -0.67 -13.14
CA TYR B 246 5.14 -2.00 -12.49
C TYR B 246 6.10 -3.00 -13.12
N PRO B 247 6.94 -3.64 -12.31
CA PRO B 247 8.08 -4.37 -12.89
C PRO B 247 7.77 -5.72 -13.57
N PHE B 248 6.62 -6.32 -13.27
CA PHE B 248 6.37 -7.62 -13.90
C PHE B 248 4.97 -7.78 -14.44
N GLN B 249 4.63 -8.97 -14.96
CA GLN B 249 3.33 -9.15 -15.62
C GLN B 249 2.13 -8.67 -14.78
N CYS B 250 1.33 -7.79 -15.34
CA CYS B 250 0.18 -7.26 -14.66
C CYS B 250 -0.80 -6.79 -15.72
N LEU B 251 -2.00 -6.39 -15.32
CA LEU B 251 -3.01 -5.85 -16.20
C LEU B 251 -4.01 -5.10 -15.36
N GLY B 252 -4.05 -3.77 -15.52
CA GLY B 252 -4.78 -2.91 -14.61
C GLY B 252 -6.28 -2.85 -14.80
N PHE B 253 -7.04 -2.89 -13.69
CA PHE B 253 -8.48 -2.57 -13.73
C PHE B 253 -8.74 -1.71 -12.51
N THR B 254 -9.40 -0.56 -12.70
CA THR B 254 -10.14 0.10 -11.64
C THR B 254 -11.36 -0.78 -11.32
N PRO B 255 -11.97 -0.65 -10.11
CA PRO B 255 -13.13 -1.52 -9.81
C PRO B 255 -14.32 -1.35 -10.80
N GLU B 256 -14.49 -0.14 -11.36
CA GLU B 256 -15.49 0.12 -12.39
C GLU B 256 -15.21 -0.74 -13.61
N HIS B 257 -13.95 -0.79 -13.98
CA HIS B 257 -13.54 -1.44 -15.20
C HIS B 257 -13.72 -2.95 -14.97
N GLN B 258 -13.33 -3.43 -13.77
CA GLN B 258 -13.64 -4.80 -13.37
C GLN B 258 -15.17 -5.11 -13.35
N ARG B 259 -15.93 -4.23 -12.70
CA ARG B 259 -17.39 -4.33 -12.72
C ARG B 259 -17.92 -4.58 -14.15
N ASP B 260 -17.61 -3.68 -15.08
CA ASP B 260 -18.17 -3.79 -16.43
C ASP B 260 -17.58 -4.93 -17.21
N PHE B 261 -16.30 -5.25 -17.01
CA PHE B 261 -15.73 -6.45 -17.65
C PHE B 261 -16.53 -7.71 -17.28
N ILE B 262 -16.76 -7.92 -16.00
CA ILE B 262 -17.45 -9.12 -15.56
C ILE B 262 -18.86 -9.09 -16.07
N ALA B 263 -19.54 -7.94 -15.97
CA ALA B 263 -20.93 -7.85 -16.39
C ALA B 263 -21.16 -8.10 -17.89
N ARG B 264 -20.30 -7.54 -18.74
CA ARG B 264 -20.55 -7.56 -20.17
C ARG B 264 -19.84 -8.67 -20.89
N ASP B 265 -18.68 -9.07 -20.42
CA ASP B 265 -17.83 -10.01 -21.13
C ASP B 265 -17.57 -11.33 -20.41
N LEU B 266 -16.84 -11.28 -19.31
CA LEU B 266 -16.35 -12.50 -18.67
C LEU B 266 -17.43 -13.38 -18.08
N GLY B 267 -18.37 -12.78 -17.36
CA GLY B 267 -19.51 -13.51 -16.80
C GLY B 267 -20.32 -14.17 -17.90
N PRO B 268 -20.78 -13.39 -18.89
CA PRO B 268 -21.59 -14.03 -19.92
C PRO B 268 -20.81 -15.07 -20.70
N THR B 269 -19.58 -14.75 -21.07
CA THR B 269 -18.77 -15.73 -21.81
C THR B 269 -18.61 -17.09 -21.08
N LEU B 270 -18.42 -17.08 -19.76
CA LEU B 270 -18.26 -18.30 -18.98
C LEU B 270 -19.60 -19.00 -18.81
N ALA B 271 -20.65 -18.21 -18.59
CA ALA B 271 -22.02 -18.74 -18.49
C ALA B 271 -22.46 -19.58 -19.71
N ASN B 272 -22.11 -19.10 -20.92
CA ASN B 272 -22.47 -19.67 -22.24
C ASN B 272 -21.49 -20.77 -22.70
N SER B 273 -20.59 -21.16 -21.79
CA SER B 273 -19.58 -22.17 -22.09
C SER B 273 -19.86 -23.46 -21.35
N THR B 274 -19.04 -24.47 -21.64
CA THR B 274 -19.19 -25.79 -20.99
C THR B 274 -18.70 -25.69 -19.56
N HIS B 275 -18.08 -24.55 -19.23
CA HIS B 275 -17.41 -24.35 -17.96
C HIS B 275 -18.23 -23.43 -17.07
N HIS B 276 -19.53 -23.37 -17.31
CA HIS B 276 -20.44 -22.48 -16.56
C HIS B 276 -20.42 -22.76 -15.06
N ASN B 277 -20.01 -23.95 -14.64
CA ASN B 277 -19.99 -24.24 -13.22
C ASN B 277 -18.78 -23.73 -12.49
N VAL B 278 -17.80 -23.22 -13.21
CA VAL B 278 -16.62 -22.61 -12.57
C VAL B 278 -16.98 -21.29 -11.84
N ARG B 279 -16.59 -21.21 -10.58
CA ARG B 279 -16.85 -20.03 -9.77
C ARG B 279 -15.94 -18.86 -10.23
N LEU B 280 -16.50 -17.67 -10.29
CA LEU B 280 -15.70 -16.51 -10.62
C LEU B 280 -15.46 -15.72 -9.36
N LEU B 281 -14.19 -15.48 -9.01
CA LEU B 281 -13.89 -14.65 -7.85
C LEU B 281 -13.34 -13.29 -8.27
N MET B 282 -13.84 -12.22 -7.65
CA MET B 282 -13.35 -10.87 -7.91
C MET B 282 -12.20 -10.40 -6.97
N LEU B 283 -11.70 -9.20 -7.24
CA LEU B 283 -10.61 -8.55 -6.51
C LEU B 283 -9.27 -9.25 -6.67
N ASP B 284 -9.04 -10.36 -5.98
CA ASP B 284 -7.75 -11.03 -6.01
C ASP B 284 -6.58 -10.06 -5.71
N ASP B 285 -6.80 -9.23 -4.69
CA ASP B 285 -5.92 -8.13 -4.35
C ASP B 285 -5.95 -7.79 -2.85
N GLN B 286 -5.29 -6.71 -2.45
CA GLN B 286 -5.14 -6.31 -1.05
C GLN B 286 -6.47 -6.05 -0.37
N ARG B 287 -6.59 -6.39 0.90
CA ARG B 287 -7.90 -6.27 1.54
C ARG B 287 -8.26 -4.84 1.88
N LEU B 288 -7.29 -3.95 1.82
CA LEU B 288 -7.58 -2.53 2.04
C LEU B 288 -8.53 -2.00 0.99
N LEU B 289 -8.56 -2.66 -0.18
CA LEU B 289 -9.47 -2.29 -1.25
C LEU B 289 -10.93 -2.64 -0.92
N LEU B 290 -11.15 -3.42 0.14
CA LEU B 290 -12.46 -3.73 0.66
C LEU B 290 -12.81 -2.75 1.76
N PRO B 291 -14.09 -2.38 1.90
CA PRO B 291 -15.28 -2.80 1.11
C PRO B 291 -15.54 -2.02 -0.20
N HIS B 292 -14.83 -0.95 -0.46
CA HIS B 292 -15.05 -0.18 -1.69
C HIS B 292 -15.23 -1.01 -2.98
N TRP B 293 -14.34 -1.95 -3.26
CA TRP B 293 -14.43 -2.70 -4.51
C TRP B 293 -15.66 -3.57 -4.56
N ALA B 294 -16.03 -4.16 -3.44
CA ALA B 294 -17.19 -5.02 -3.38
C ALA B 294 -18.47 -4.19 -3.58
N LYS B 295 -18.48 -2.98 -3.04
CA LYS B 295 -19.59 -2.08 -3.33
C LYS B 295 -19.70 -1.78 -4.83
N VAL B 296 -18.60 -1.34 -5.44
CA VAL B 296 -18.67 -0.95 -6.84
C VAL B 296 -19.13 -2.15 -7.69
N VAL B 297 -18.56 -3.33 -7.45
CA VAL B 297 -18.91 -4.49 -8.28
C VAL B 297 -20.27 -5.08 -7.89
N LEU B 298 -20.55 -5.27 -6.61
CA LEU B 298 -21.72 -6.05 -6.23
C LEU B 298 -23.07 -5.34 -6.23
N THR B 299 -23.06 -4.00 -6.25
CA THR B 299 -24.33 -3.23 -6.34
C THR B 299 -24.80 -3.08 -7.79
N ASP B 300 -24.03 -3.64 -8.72
CA ASP B 300 -24.48 -3.77 -10.07
C ASP B 300 -25.05 -5.19 -10.21
N PRO B 301 -26.38 -5.30 -10.41
CA PRO B 301 -27.05 -6.62 -10.54
C PRO B 301 -26.54 -7.43 -11.73
N GLU B 302 -26.15 -6.77 -12.80
CA GLU B 302 -25.60 -7.46 -13.94
C GLU B 302 -24.24 -8.10 -13.64
N ALA B 303 -23.45 -7.51 -12.74
CA ALA B 303 -22.16 -8.11 -12.35
C ALA B 303 -22.33 -9.06 -11.17
N ALA B 304 -23.14 -8.64 -10.20
CA ALA B 304 -23.37 -9.41 -8.99
C ALA B 304 -23.73 -10.84 -9.32
N LYS B 305 -24.50 -11.04 -10.37
CA LYS B 305 -25.09 -12.35 -10.61
C LYS B 305 -24.06 -13.37 -11.07
N TYR B 306 -22.86 -12.88 -11.42
CA TYR B 306 -21.74 -13.75 -11.83
C TYR B 306 -20.68 -13.96 -10.77
N VAL B 307 -20.75 -13.21 -9.67
CA VAL B 307 -19.61 -13.21 -8.76
C VAL B 307 -19.91 -14.12 -7.63
N HIS B 308 -19.19 -15.24 -7.54
CA HIS B 308 -19.36 -16.19 -6.45
C HIS B 308 -18.69 -15.71 -5.16
N GLY B 309 -17.53 -15.04 -5.28
CA GLY B 309 -16.74 -14.66 -4.13
C GLY B 309 -15.69 -13.58 -4.31
N ILE B 310 -15.01 -13.26 -3.22
CA ILE B 310 -14.01 -12.20 -3.19
C ILE B 310 -12.65 -12.78 -2.72
N ALA B 311 -11.60 -12.62 -3.53
CA ALA B 311 -10.25 -13.10 -3.17
C ALA B 311 -9.39 -11.98 -2.65
N VAL B 312 -8.74 -12.22 -1.51
CA VAL B 312 -7.85 -11.23 -0.93
C VAL B 312 -6.39 -11.70 -0.80
N HIS B 313 -5.45 -10.78 -1.02
CA HIS B 313 -4.02 -11.03 -0.75
C HIS B 313 -3.67 -10.33 0.53
N TRP B 314 -2.65 -10.88 1.20
CA TRP B 314 -2.33 -10.47 2.54
C TRP B 314 -1.30 -9.33 2.66
N TYR B 315 -0.68 -8.93 1.55
CA TYR B 315 0.56 -8.14 1.62
C TYR B 315 0.50 -6.79 2.34
N LEU B 316 -0.64 -6.09 2.33
CA LEU B 316 -0.75 -4.82 3.07
C LEU B 316 -1.73 -4.88 4.28
N ASP B 317 -1.76 -6.01 4.96
CA ASP B 317 -2.64 -6.21 6.12
C ASP B 317 -2.44 -5.14 7.21
N PHE B 318 -1.20 -4.79 7.51
CA PHE B 318 -0.91 -3.73 8.52
C PHE B 318 -1.67 -2.45 8.27
N LEU B 319 -2.05 -2.19 7.03
CA LEU B 319 -2.75 -0.96 6.67
C LEU B 319 -4.25 -1.15 6.72
N ALA B 320 -4.72 -2.33 7.14
CA ALA B 320 -6.09 -2.75 6.81
C ALA B 320 -6.65 -3.68 7.88
N PRO B 321 -7.23 -3.10 8.94
CA PRO B 321 -7.74 -3.94 10.03
C PRO B 321 -8.84 -4.87 9.48
N ALA B 322 -8.83 -6.12 9.94
CA ALA B 322 -9.79 -7.10 9.44
C ALA B 322 -11.24 -6.69 9.67
N LYS B 323 -11.51 -6.01 10.79
CA LYS B 323 -12.87 -5.62 11.12
C LYS B 323 -13.39 -4.60 10.12
N ALA B 324 -12.54 -3.67 9.74
CA ALA B 324 -13.01 -2.57 8.90
C ALA B 324 -13.10 -2.98 7.45
N THR B 325 -12.49 -4.13 7.10
CA THR B 325 -12.31 -4.52 5.69
C THR B 325 -13.12 -5.75 5.45
N LEU B 326 -12.62 -6.91 5.93
CA LEU B 326 -13.31 -8.22 5.82
C LEU B 326 -14.67 -8.21 6.53
N GLY B 327 -14.67 -7.84 7.81
CA GLY B 327 -15.89 -7.77 8.63
C GLY B 327 -16.99 -6.92 8.06
N GLU B 328 -16.62 -5.71 7.61
CA GLU B 328 -17.56 -4.84 6.92
C GLU B 328 -18.10 -5.42 5.62
N THR B 329 -17.26 -6.05 4.83
CA THR B 329 -17.72 -6.66 3.59
C THR B 329 -18.70 -7.82 3.85
N HIS B 330 -18.46 -8.60 4.88
CA HIS B 330 -19.41 -9.64 5.26
C HIS B 330 -20.73 -9.08 5.78
N ARG B 331 -20.68 -8.01 6.55
CA ARG B 331 -21.92 -7.39 7.02
C ARG B 331 -22.77 -6.92 5.81
N LEU B 332 -22.14 -6.28 4.81
CA LEU B 332 -22.87 -5.79 3.62
C LEU B 332 -23.21 -6.87 2.63
N PHE B 333 -22.32 -7.86 2.44
CA PHE B 333 -22.53 -8.94 1.44
C PHE B 333 -22.29 -10.34 2.00
N PRO B 334 -23.08 -10.74 3.01
CA PRO B 334 -22.83 -12.02 3.73
C PRO B 334 -22.94 -13.30 2.87
N ASN B 335 -23.58 -13.24 1.71
CA ASN B 335 -23.64 -14.40 0.84
C ASN B 335 -22.54 -14.49 -0.22
N THR B 336 -21.64 -13.50 -0.27
CA THR B 336 -20.51 -13.57 -1.16
C THR B 336 -19.32 -13.99 -0.32
N MET B 337 -18.75 -15.15 -0.59
CA MET B 337 -17.70 -15.66 0.28
C MET B 337 -16.42 -14.85 0.12
N LEU B 338 -15.67 -14.73 1.23
CA LEU B 338 -14.31 -14.18 1.24
C LEU B 338 -13.32 -15.33 1.27
N PHE B 339 -12.23 -15.18 0.52
CA PHE B 339 -11.21 -16.22 0.38
C PHE B 339 -9.81 -15.62 0.27
N ALA B 340 -8.85 -16.11 1.05
CA ALA B 340 -7.46 -15.64 0.95
C ALA B 340 -6.67 -16.44 -0.09
N SER B 341 -6.26 -15.78 -1.16
CA SER B 341 -5.74 -16.47 -2.32
C SER B 341 -4.22 -16.33 -2.58
N GLU B 342 -3.54 -15.40 -1.88
CA GLU B 342 -2.09 -15.36 -1.96
C GLU B 342 -1.42 -14.75 -0.73
N ALA B 343 -0.37 -15.41 -0.26
CA ALA B 343 0.53 -14.87 0.78
C ALA B 343 1.96 -15.47 0.66
N CYS B 344 2.97 -14.67 1.04
CA CYS B 344 4.33 -15.16 1.27
C CYS B 344 5.12 -14.18 2.06
N VAL B 345 6.21 -14.66 2.62
CA VAL B 345 7.09 -13.79 3.35
C VAL B 345 8.38 -13.57 2.56
N GLY B 346 9.18 -12.58 2.93
CA GLY B 346 10.39 -12.25 2.18
C GLY B 346 10.14 -11.26 1.05
N SER B 347 8.89 -10.85 0.90
CA SER B 347 8.44 -9.90 -0.12
C SER B 347 9.13 -8.53 -0.04
N LYS B 348 9.24 -7.96 1.17
CA LYS B 348 9.74 -6.58 1.42
C LYS B 348 11.20 -6.44 0.97
N PHE B 349 11.52 -5.31 0.31
CA PHE B 349 12.88 -5.10 -0.24
C PHE B 349 14.01 -5.12 0.79
N TRP B 350 13.66 -4.90 2.06
CA TRP B 350 14.63 -4.85 3.15
C TRP B 350 14.79 -6.16 3.95
N GLU B 351 13.83 -7.08 3.78
CA GLU B 351 13.89 -8.43 4.34
C GLU B 351 14.81 -9.31 3.52
N GLN B 352 15.48 -10.24 4.17
CA GLN B 352 16.15 -11.34 3.48
C GLN B 352 15.06 -12.23 2.84
N SER B 353 15.36 -12.85 1.71
CA SER B 353 14.37 -13.64 1.01
C SER B 353 13.96 -14.94 1.67
N VAL B 354 14.96 -15.76 1.97
CA VAL B 354 14.79 -17.03 2.65
C VAL B 354 15.57 -16.98 3.95
N ARG B 355 14.87 -17.17 5.07
CA ARG B 355 15.49 -17.43 6.37
C ARG B 355 15.12 -18.83 6.80
N LEU B 356 15.95 -19.81 6.42
CA LEU B 356 15.72 -21.20 6.76
C LEU B 356 15.62 -21.46 8.27
N GLY B 357 14.43 -21.85 8.73
CA GLY B 357 14.26 -22.19 10.12
C GLY B 357 13.55 -21.09 10.90
N SER B 358 13.12 -20.03 10.21
CA SER B 358 12.52 -18.87 10.83
C SER B 358 11.16 -19.17 11.49
N TRP B 359 11.10 -19.07 12.82
CA TRP B 359 9.89 -19.36 13.54
C TRP B 359 8.95 -18.17 13.39
N ASP B 360 9.51 -16.96 13.36
CA ASP B 360 8.70 -15.75 13.23
C ASP B 360 7.81 -15.79 11.99
N ARG B 361 8.40 -16.22 10.87
CA ARG B 361 7.68 -16.37 9.63
C ARG B 361 6.56 -17.41 9.69
N GLY B 362 6.74 -18.48 10.47
CA GLY B 362 5.67 -19.44 10.70
C GLY B 362 4.50 -18.83 11.47
N MET B 363 4.82 -18.11 12.53
CA MET B 363 3.83 -17.40 13.32
C MET B 363 3.12 -16.30 12.55
N GLN B 364 3.81 -15.71 11.56
CA GLN B 364 3.09 -14.80 10.70
C GLN B 364 2.00 -15.54 9.90
N TYR B 365 2.31 -16.73 9.39
CA TYR B 365 1.31 -17.50 8.63
C TYR B 365 0.07 -17.82 9.46
N SER B 366 0.30 -18.41 10.64
CA SER B 366 -0.79 -18.83 11.52
C SER B 366 -1.57 -17.63 12.11
N HIS B 367 -0.92 -16.51 12.28
CA HIS B 367 -1.62 -15.38 12.82
C HIS B 367 -2.57 -14.85 11.76
N SER B 368 -2.11 -14.91 10.52
CA SER B 368 -2.95 -14.53 9.38
C SER B 368 -4.10 -15.47 9.22
N ILE B 369 -3.83 -16.78 9.29
CA ILE B 369 -4.93 -17.72 9.02
C ILE B 369 -6.03 -17.52 10.08
N ILE B 370 -5.64 -17.47 11.35
CA ILE B 370 -6.56 -17.30 12.46
C ILE B 370 -7.39 -16.01 12.30
N THR B 371 -6.73 -14.88 12.05
CA THR B 371 -7.45 -13.61 11.89
C THR B 371 -8.40 -13.66 10.69
N ASN B 372 -7.94 -14.26 9.59
CA ASN B 372 -8.82 -14.38 8.45
C ASN B 372 -10.04 -15.22 8.85
N LEU B 373 -9.81 -16.32 9.57
CA LEU B 373 -10.91 -17.25 9.90
C LEU B 373 -11.89 -16.61 10.86
N LEU B 374 -11.40 -15.76 11.74
CA LEU B 374 -12.25 -15.06 12.68
C LEU B 374 -13.00 -13.90 12.02
N TYR B 375 -12.69 -13.59 10.76
CA TYR B 375 -13.46 -12.57 10.04
C TYR B 375 -13.99 -13.12 8.73
N HIS B 376 -14.50 -14.34 8.82
CA HIS B 376 -15.39 -14.95 7.81
C HIS B 376 -14.76 -15.54 6.58
N VAL B 377 -13.42 -15.49 6.48
CA VAL B 377 -12.73 -15.98 5.30
C VAL B 377 -12.85 -17.51 5.19
N VAL B 378 -13.09 -18.04 3.98
CA VAL B 378 -13.37 -19.49 3.86
C VAL B 378 -12.21 -20.40 3.54
N GLY B 379 -11.12 -19.82 3.05
CA GLY B 379 -9.94 -20.61 2.70
C GLY B 379 -8.70 -19.74 2.73
N TRP B 380 -7.54 -20.36 2.62
CA TRP B 380 -6.30 -19.60 2.65
C TRP B 380 -5.27 -20.33 1.82
N THR B 381 -4.65 -19.59 0.92
CA THR B 381 -3.77 -20.19 -0.06
C THR B 381 -2.42 -19.56 0.04
N ASP B 382 -1.42 -20.38 0.22
CA ASP B 382 -0.04 -19.96 0.12
C ASP B 382 0.34 -19.60 -1.33
N TRP B 383 1.50 -18.96 -1.50
CA TRP B 383 2.06 -18.73 -2.81
C TRP B 383 2.87 -20.01 -3.21
N ASN B 384 4.02 -19.85 -3.89
CA ASN B 384 4.90 -20.94 -4.36
C ASN B 384 4.98 -22.14 -3.44
N LEU B 385 4.60 -23.32 -3.97
CA LEU B 385 4.70 -24.57 -3.23
C LEU B 385 6.12 -24.82 -2.77
N ALA B 386 7.08 -24.41 -3.58
CA ALA B 386 8.49 -24.64 -3.28
C ALA B 386 9.32 -23.62 -4.04
N LEU B 387 10.46 -23.23 -3.44
CA LEU B 387 11.47 -22.39 -4.09
C LEU B 387 12.89 -22.94 -3.81
N ASN B 388 13.93 -22.41 -4.47
CA ASN B 388 15.33 -22.77 -4.16
C ASN B 388 15.86 -21.89 -3.01
N PRO B 389 17.11 -22.11 -2.54
CA PRO B 389 17.60 -21.34 -1.34
C PRO B 389 17.74 -19.82 -1.54
N GLU B 390 17.68 -19.37 -2.78
CA GLU B 390 17.79 -17.97 -3.11
C GLU B 390 16.38 -17.34 -3.13
N GLY B 391 15.37 -18.21 -3.14
CA GLY B 391 14.01 -17.76 -3.17
C GLY B 391 13.48 -17.65 -4.58
N GLY B 392 14.06 -18.42 -5.50
CA GLY B 392 13.68 -18.33 -6.91
C GLY B 392 13.46 -19.66 -7.58
N PRO B 393 13.54 -19.70 -8.92
CA PRO B 393 13.92 -18.59 -9.76
C PRO B 393 12.76 -17.67 -10.03
N ASN B 394 13.06 -16.50 -10.56
CA ASN B 394 12.08 -15.45 -10.79
C ASN B 394 12.75 -14.49 -11.83
N TRP B 395 12.10 -14.24 -12.96
CA TRP B 395 12.77 -13.53 -14.07
C TRP B 395 13.17 -12.13 -13.71
N VAL B 396 12.57 -11.59 -12.66
CA VAL B 396 12.79 -10.20 -12.29
C VAL B 396 13.49 -10.09 -10.92
N ARG B 397 14.01 -11.23 -10.42
CA ARG B 397 14.72 -11.34 -9.15
C ARG B 397 13.89 -10.89 -7.93
N ASN B 398 12.56 -11.05 -8.02
CA ASN B 398 11.63 -10.77 -6.92
C ASN B 398 11.53 -11.99 -5.99
N PHE B 399 12.67 -12.42 -5.46
CA PHE B 399 12.76 -13.60 -4.62
C PHE B 399 12.00 -13.46 -3.29
N VAL B 400 11.35 -14.55 -2.84
CA VAL B 400 10.62 -14.56 -1.55
C VAL B 400 10.85 -15.87 -0.87
N ASP B 401 10.10 -16.17 0.17
CA ASP B 401 10.28 -17.41 0.89
C ASP B 401 9.14 -18.38 0.58
N SER B 402 9.36 -19.66 0.91
CA SER B 402 8.37 -20.71 0.69
C SER B 402 8.48 -21.77 1.78
N PRO B 403 7.34 -22.42 2.13
CA PRO B 403 7.32 -23.45 3.17
C PRO B 403 8.23 -24.63 2.91
N ILE B 404 8.55 -24.88 1.64
CA ILE B 404 9.54 -25.91 1.26
C ILE B 404 10.63 -25.31 0.37
N ILE B 405 11.88 -25.51 0.78
CA ILE B 405 13.00 -25.02 0.02
C ILE B 405 13.74 -26.20 -0.54
N VAL B 406 13.95 -26.21 -1.85
CA VAL B 406 14.64 -27.33 -2.53
C VAL B 406 16.16 -27.09 -2.73
N ASP B 407 17.00 -27.96 -2.18
CA ASP B 407 18.46 -27.88 -2.43
C ASP B 407 18.88 -28.91 -3.48
N ILE B 408 18.82 -28.48 -4.74
CA ILE B 408 18.99 -29.32 -5.94
C ILE B 408 20.29 -30.12 -5.96
N THR B 409 21.40 -29.48 -5.57
CA THR B 409 22.72 -30.09 -5.75
C THR B 409 22.94 -31.11 -4.68
N LYS B 410 21.98 -31.26 -3.77
CA LYS B 410 22.07 -32.29 -2.76
C LYS B 410 20.88 -33.24 -2.79
N ASP B 411 19.97 -33.04 -3.75
CA ASP B 411 18.75 -33.83 -3.79
C ASP B 411 18.03 -33.88 -2.42
N THR B 412 17.95 -32.75 -1.73
CA THR B 412 17.19 -32.72 -0.51
C THR B 412 16.27 -31.52 -0.51
N PHE B 413 15.25 -31.55 0.36
CA PHE B 413 14.42 -30.36 0.57
C PHE B 413 14.18 -30.06 2.04
N TYR B 414 13.96 -28.79 2.33
CA TYR B 414 13.78 -28.39 3.72
C TYR B 414 12.34 -27.97 3.97
N LYS B 415 11.71 -28.57 4.99
CA LYS B 415 10.37 -28.13 5.40
C LYS B 415 10.47 -27.11 6.54
N GLN B 416 10.02 -25.88 6.28
CA GLN B 416 10.25 -24.74 7.17
C GLN B 416 9.12 -24.64 8.19
N PRO B 417 9.34 -23.91 9.31
CA PRO B 417 8.21 -23.73 10.22
C PRO B 417 6.90 -23.26 9.52
N MET B 418 6.97 -22.48 8.44
CA MET B 418 5.72 -22.11 7.75
C MET B 418 4.85 -23.32 7.39
N PHE B 419 5.52 -24.39 6.97
CA PHE B 419 4.90 -25.60 6.55
C PHE B 419 4.07 -26.14 7.69
N TYR B 420 4.63 -26.21 8.88
CA TYR B 420 3.88 -26.77 10.03
C TYR B 420 2.79 -25.86 10.58
N HIS B 421 3.05 -24.55 10.60
CA HIS B 421 2.03 -23.62 11.05
C HIS B 421 0.80 -23.75 10.09
N LEU B 422 1.07 -23.85 8.78
CA LEU B 422 0.04 -24.15 7.83
C LEU B 422 -0.69 -25.45 8.11
N GLY B 423 0.04 -26.51 8.37
CA GLY B 423 -0.53 -27.82 8.54
C GLY B 423 -1.34 -27.94 9.81
N HIS B 424 -1.00 -27.12 10.83
CA HIS B 424 -1.91 -26.99 11.96
C HIS B 424 -3.38 -26.65 11.60
N PHE B 425 -3.61 -26.01 10.45
CA PHE B 425 -4.98 -25.81 9.97
C PHE B 425 -5.41 -26.86 8.91
N SER B 426 -4.64 -26.93 7.81
CA SER B 426 -4.97 -27.76 6.69
C SER B 426 -5.19 -29.21 7.09
N LYS B 427 -4.39 -29.74 8.00
CA LYS B 427 -4.57 -31.15 8.28
C LYS B 427 -5.86 -31.47 9.04
N PHE B 428 -6.34 -30.52 9.81
CA PHE B 428 -7.34 -30.82 10.78
C PHE B 428 -8.66 -30.11 10.50
N ILE B 429 -8.70 -29.26 9.47
CA ILE B 429 -9.91 -28.51 9.13
C ILE B 429 -10.28 -28.78 7.67
N PRO B 430 -10.91 -29.95 7.41
CA PRO B 430 -11.32 -30.35 6.07
C PRO B 430 -12.43 -29.44 5.55
N GLU B 431 -12.61 -29.48 4.23
CA GLU B 431 -13.68 -28.77 3.56
C GLU B 431 -15.04 -29.14 4.18
N GLY B 432 -15.86 -28.13 4.46
CA GLY B 432 -17.14 -28.35 5.08
C GLY B 432 -17.09 -28.14 6.59
N SER B 433 -15.88 -28.01 7.15
CA SER B 433 -15.76 -27.59 8.56
C SER B 433 -16.36 -26.22 8.68
N GLN B 434 -16.94 -25.91 9.83
CA GLN B 434 -17.61 -24.65 10.00
C GLN B 434 -17.12 -23.97 11.27
N ARG B 435 -16.88 -22.68 11.20
CA ARG B 435 -16.40 -21.99 12.36
C ARG B 435 -17.54 -21.68 13.33
N VAL B 436 -17.24 -21.89 14.61
CA VAL B 436 -18.20 -21.69 15.69
C VAL B 436 -17.66 -20.69 16.69
N GLY B 437 -18.49 -20.23 17.61
CA GLY B 437 -18.06 -19.19 18.54
C GLY B 437 -17.03 -19.71 19.54
N LEU B 438 -16.24 -18.78 20.06
CA LEU B 438 -15.23 -19.05 21.06
C LEU B 438 -14.99 -17.75 21.76
N VAL B 439 -15.23 -17.70 23.08
CA VAL B 439 -15.02 -16.48 23.85
C VAL B 439 -13.97 -16.71 24.91
N ALA B 440 -13.26 -15.64 25.23
CA ALA B 440 -12.20 -15.72 26.21
C ALA B 440 -12.70 -15.03 27.49
N SER B 441 -12.49 -15.66 28.64
CA SER B 441 -12.92 -15.14 29.93
C SER B 441 -12.21 -13.84 30.33
N GLN B 442 -11.02 -13.57 29.76
CA GLN B 442 -10.24 -12.34 30.06
C GLN B 442 -9.21 -11.97 28.96
N LYS B 443 -8.76 -10.72 28.91
CA LYS B 443 -7.68 -10.30 27.98
C LYS B 443 -6.46 -11.23 28.00
N ASN B 444 -5.95 -11.55 26.81
CA ASN B 444 -4.85 -12.50 26.67
C ASN B 444 -4.05 -12.26 25.38
N ASP B 445 -2.86 -12.84 25.29
CA ASP B 445 -1.99 -12.72 24.12
C ASP B 445 -2.14 -13.93 23.15
N LEU B 446 -3.20 -14.72 23.27
CA LEU B 446 -3.36 -15.87 22.38
C LEU B 446 -4.13 -15.53 21.11
N ASP B 447 -3.93 -16.28 20.04
CA ASP B 447 -4.89 -16.25 18.95
C ASP B 447 -5.54 -17.58 18.93
N ALA B 448 -6.87 -17.60 18.84
CA ALA B 448 -7.57 -18.86 18.90
C ALA B 448 -8.83 -18.86 18.04
N VAL B 449 -9.12 -20.02 17.43
CA VAL B 449 -10.33 -20.20 16.60
C VAL B 449 -10.90 -21.58 16.85
N ALA B 450 -12.22 -21.70 16.88
CA ALA B 450 -12.87 -23.00 17.05
C ALA B 450 -13.70 -23.32 15.84
N LEU B 451 -13.60 -24.59 15.42
CA LEU B 451 -14.42 -25.10 14.33
C LEU B 451 -15.00 -26.46 14.63
N MET B 452 -16.04 -26.75 13.88
CA MET B 452 -16.66 -28.04 13.88
C MET B 452 -16.31 -28.82 12.62
N HIS B 453 -15.80 -30.02 12.83
CA HIS B 453 -15.51 -30.98 11.78
C HIS B 453 -16.88 -31.34 11.20
N PRO B 454 -16.96 -31.56 9.87
CA PRO B 454 -18.22 -31.99 9.22
C PRO B 454 -18.89 -33.19 9.93
N ASP B 455 -18.11 -34.13 10.48
CA ASP B 455 -18.68 -35.20 11.32
C ASP B 455 -18.94 -34.83 12.80
N GLY B 456 -18.70 -33.56 13.17
CA GLY B 456 -19.24 -33.01 14.41
C GLY B 456 -18.28 -32.93 15.59
N SER B 457 -17.05 -33.36 15.36
CA SER B 457 -15.99 -33.21 16.38
C SER B 457 -15.51 -31.77 16.34
N ALA B 458 -14.84 -31.36 17.40
CA ALA B 458 -14.33 -30.01 17.54
C ALA B 458 -12.83 -29.94 17.19
N VAL B 459 -12.42 -28.80 16.68
CA VAL B 459 -11.02 -28.50 16.40
C VAL B 459 -10.81 -27.10 16.91
N VAL B 460 -9.79 -26.91 17.73
CA VAL B 460 -9.39 -25.58 18.20
C VAL B 460 -7.90 -25.40 17.95
N VAL B 461 -7.57 -24.28 17.29
CA VAL B 461 -6.18 -23.93 17.05
C VAL B 461 -5.77 -22.78 17.96
N VAL B 462 -4.67 -22.97 18.70
CA VAL B 462 -4.20 -21.92 19.61
C VAL B 462 -2.77 -21.52 19.29
N LEU B 463 -2.56 -20.26 18.93
CA LEU B 463 -1.22 -19.72 18.69
C LEU B 463 -0.85 -18.80 19.83
N ASN B 464 0.31 -19.02 20.42
CA ASN B 464 0.80 -18.15 21.49
C ASN B 464 1.77 -17.11 20.96
N ARG B 465 1.29 -15.88 20.82
CA ARG B 465 2.12 -14.78 20.27
C ARG B 465 3.27 -14.26 21.22
N SER B 466 3.13 -14.48 22.54
CA SER B 466 4.10 -14.04 23.52
C SER B 466 5.13 -15.13 23.91
N SER B 467 6.14 -14.75 24.69
CA SER B 467 7.19 -15.68 25.09
C SER B 467 6.87 -16.42 26.41
N LYS B 468 5.79 -16.00 27.06
CA LYS B 468 5.36 -16.62 28.31
C LYS B 468 4.40 -17.77 28.09
N ASP B 469 4.59 -18.85 28.86
CA ASP B 469 3.72 -20.02 28.91
C ASP B 469 2.39 -19.61 29.52
N VAL B 470 1.31 -19.95 28.84
CA VAL B 470 0.00 -19.60 29.35
C VAL B 470 -0.84 -20.83 29.62
N PRO B 471 -1.08 -21.14 30.92
CA PRO B 471 -2.02 -22.21 31.30
C PRO B 471 -3.43 -21.76 30.99
N LEU B 472 -4.24 -22.66 30.45
CA LEU B 472 -5.61 -22.30 30.12
C LEU B 472 -6.51 -23.53 30.12
N THR B 473 -7.80 -23.26 30.07
CA THR B 473 -8.81 -24.29 29.95
C THR B 473 -9.73 -23.99 28.78
N ILE B 474 -10.14 -25.04 28.09
CA ILE B 474 -11.13 -24.92 27.04
C ILE B 474 -12.36 -25.63 27.58
N LYS B 475 -13.47 -24.90 27.63
CA LYS B 475 -14.76 -25.48 28.01
C LYS B 475 -15.60 -25.74 26.78
N ASP B 476 -16.06 -26.98 26.61
CA ASP B 476 -17.10 -27.31 25.63
C ASP B 476 -18.39 -27.57 26.46
N PRO B 477 -19.41 -26.71 26.31
CA PRO B 477 -20.60 -26.62 27.16
C PRO B 477 -21.36 -27.90 27.51
N ALA B 478 -21.37 -28.90 26.66
CA ALA B 478 -22.01 -30.10 27.19
C ALA B 478 -21.20 -31.37 26.96
N VAL B 479 -19.89 -31.26 27.15
CA VAL B 479 -19.05 -32.42 27.15
C VAL B 479 -17.97 -32.33 28.23
N GLY B 480 -17.43 -31.14 28.48
CA GLY B 480 -16.47 -30.99 29.57
C GLY B 480 -15.39 -29.93 29.39
N PHE B 481 -14.32 -30.04 30.19
CA PHE B 481 -13.18 -29.12 30.25
C PHE B 481 -11.85 -29.80 29.89
N LEU B 482 -11.08 -29.17 29.01
CA LEU B 482 -9.70 -29.60 28.71
C LEU B 482 -8.76 -28.70 29.51
N GLU B 483 -7.93 -29.29 30.37
CA GLU B 483 -6.95 -28.42 31.03
C GLU B 483 -5.64 -28.49 30.23
N THR B 484 -5.09 -27.34 29.88
CA THR B 484 -3.88 -27.39 29.09
C THR B 484 -2.96 -26.20 29.35
N ILE B 485 -1.78 -26.26 28.76
CA ILE B 485 -0.82 -25.19 28.84
C ILE B 485 -0.41 -24.79 27.43
N SER B 486 -0.42 -23.50 27.12
CA SER B 486 0.10 -23.03 25.84
C SER B 486 1.49 -22.41 26.01
N PRO B 487 2.56 -23.15 25.63
CA PRO B 487 3.93 -22.63 25.84
C PRO B 487 4.26 -21.44 24.94
N GLY B 488 5.19 -20.60 25.39
CA GLY B 488 5.61 -19.41 24.62
C GLY B 488 5.88 -19.70 23.15
N TYR B 489 5.29 -18.88 22.27
CA TYR B 489 5.55 -18.90 20.82
C TYR B 489 4.96 -20.07 20.05
N SER B 490 4.47 -21.08 20.78
CA SER B 490 4.06 -22.35 20.21
C SER B 490 2.73 -22.30 19.49
N ILE B 491 2.40 -23.41 18.84
CA ILE B 491 1.08 -23.57 18.23
C ILE B 491 0.48 -24.97 18.54
N HIS B 492 -0.79 -24.99 18.88
CA HIS B 492 -1.51 -26.24 19.21
C HIS B 492 -2.79 -26.43 18.39
N THR B 493 -3.06 -27.65 17.99
CA THR B 493 -4.38 -27.96 17.52
C THR B 493 -4.94 -29.04 18.43
N TYR B 494 -6.19 -28.83 18.89
CA TYR B 494 -6.93 -29.74 19.77
C TYR B 494 -8.06 -30.31 19.02
N LEU B 495 -8.29 -31.62 19.15
CA LEU B 495 -9.45 -32.29 18.58
C LEU B 495 -10.10 -33.17 19.63
N TRP B 496 -11.42 -33.09 19.73
CA TRP B 496 -12.17 -34.07 20.48
C TRP B 496 -13.52 -34.31 19.82
N HIS B 497 -14.02 -35.53 20.00
CA HIS B 497 -15.38 -35.93 19.60
C HIS B 497 -16.37 -35.43 20.60
N ARG B 498 -17.49 -34.89 20.16
CA ARG B 498 -18.44 -34.40 21.15
C ARG B 498 -19.48 -35.50 21.44
N GLN B 499 -19.62 -36.43 20.48
CA GLN B 499 -20.39 -37.70 20.58
C GLN B 499 -20.24 -38.39 21.95
C1 NAG C . 27.08 30.88 -14.36
C2 NAG C . 28.52 30.78 -14.81
C3 NAG C . 28.84 31.84 -15.86
C4 NAG C . 27.88 31.59 -17.03
C5 NAG C . 26.45 31.57 -16.44
C6 NAG C . 25.29 31.47 -17.41
C7 NAG C . 30.33 29.73 -13.69
C8 NAG C . 31.37 29.70 -12.59
N2 NAG C . 29.45 30.75 -13.69
O3 NAG C . 30.25 31.85 -16.17
O4 NAG C . 28.00 32.59 -18.01
O5 NAG C . 26.31 30.55 -15.49
O6 NAG C . 25.27 30.18 -17.95
O7 NAG C . 30.32 28.83 -14.56
C1 NAG C . 27.65 32.71 -19.37
C2 NAG C . 27.10 33.85 -20.23
C3 NAG C . 27.07 33.56 -21.73
C4 NAG C . 28.34 32.86 -22.20
C5 NAG C . 28.59 31.64 -21.29
C6 NAG C . 29.77 30.75 -21.73
C7 NAG C . 25.66 35.39 -19.07
C8 NAG C . 24.37 36.16 -19.23
N2 NAG C . 25.79 34.22 -19.73
O3 NAG C . 26.98 34.79 -22.43
O4 NAG C . 28.31 32.57 -23.59
O5 NAG C . 28.79 32.09 -19.95
O6 NAG C . 30.74 30.66 -20.71
O7 NAG C . 26.56 35.84 -18.36
C1 MAN C . 28.24 32.80 -24.98
C2 MAN C . 27.74 31.38 -25.37
C3 MAN C . 28.79 30.63 -26.21
C4 MAN C . 29.23 31.51 -27.39
C5 MAN C . 29.91 32.75 -26.76
C6 MAN C . 30.70 33.61 -27.75
O2 MAN C . 26.43 31.40 -25.99
O3 MAN C . 28.33 29.34 -26.65
O4 MAN C . 30.08 30.78 -28.28
O5 MAN C . 28.91 33.51 -26.04
O6 MAN C . 29.84 34.28 -28.68
C1 FUC C . 31.47 32.55 -15.82
C2 FUC C . 32.71 32.62 -16.75
C3 FUC C . 32.21 33.04 -18.15
C4 FUC C . 31.02 33.99 -17.92
C5 FUC C . 31.11 34.81 -16.58
C6 FUC C . 32.16 35.95 -16.56
O2 FUC C . 33.56 31.49 -16.73
O3 FUC C . 33.19 33.67 -18.93
O4 FUC C . 30.72 34.76 -19.06
O5 FUC C . 31.24 33.92 -15.44
C1 NAG D . 18.50 -39.33 3.76
C2 NAG D . 19.92 -39.87 3.66
C3 NAG D . 20.06 -41.04 4.63
C4 NAG D . 19.71 -40.57 6.05
C5 NAG D . 18.27 -40.04 6.04
C6 NAG D . 17.75 -39.49 7.37
C7 NAG D . 21.32 -39.65 1.70
C8 NAG D . 21.72 -40.14 0.34
N2 NAG D . 20.25 -40.21 2.27
O3 NAG D . 21.33 -41.66 4.51
O4 NAG D . 19.85 -41.58 7.01
O5 NAG D . 18.19 -38.99 5.10
O6 NAG D . 18.65 -38.55 7.92
O7 NAG D . 21.96 -38.76 2.26
C1 NAG D . 20.17 -41.65 8.38
C2 NAG D . 19.71 -42.77 9.32
C3 NAG D . 20.34 -42.70 10.70
C4 NAG D . 21.84 -42.51 10.58
C5 NAG D . 22.08 -41.23 9.77
C6 NAG D . 23.54 -40.86 9.61
C7 NAG D . 17.56 -43.66 8.76
C8 NAG D . 16.16 -43.92 9.26
N2 NAG D . 18.27 -42.73 9.39
O3 NAG D . 20.17 -43.90 11.40
O4 NAG D . 22.39 -42.51 11.88
O5 NAG D . 21.57 -41.45 8.46
O6 NAG D . 23.86 -41.08 8.26
O7 NAG D . 18.02 -44.32 7.82
C1 BMA D . 23.65 -42.86 12.40
C2 BMA D . 24.87 -41.97 12.76
C3 BMA D . 25.96 -42.85 13.41
C4 BMA D . 25.34 -43.54 14.63
C5 BMA D . 24.33 -44.57 14.10
C6 BMA D . 23.73 -45.40 15.25
O2 BMA D . 24.46 -40.84 13.57
O3 BMA D . 27.22 -42.19 13.69
O4 BMA D . 26.34 -44.12 15.49
O5 BMA D . 23.29 -43.91 13.33
O6 BMA D . 22.63 -46.19 14.80
C1 FUC D . 21.59 -42.77 3.65
C2 FUC D . 23.09 -43.01 3.42
C3 FUC D . 23.78 -43.12 4.77
C4 FUC D . 23.17 -44.27 5.57
C5 FUC D . 21.63 -44.17 5.58
C6 FUC D . 20.96 -45.32 6.36
O2 FUC D . 23.69 -42.00 2.65
O3 FUC D . 25.15 -43.31 4.54
O4 FUC D . 23.55 -45.51 4.99
O5 FUC D . 21.10 -43.98 4.23
S SO4 E . -12.41 0.89 20.10
O1 SO4 E . -13.15 1.92 19.36
O2 SO4 E . -11.51 1.46 21.13
O3 SO4 E . -13.39 0.00 20.74
O4 SO4 E . -11.63 0.08 19.17
S SO4 F . 11.21 -5.36 13.98
O1 SO4 F . 10.31 -4.53 13.19
O2 SO4 F . 11.31 -4.84 15.35
O3 SO4 F . 10.55 -6.66 13.98
O4 SO4 F . 12.55 -5.38 13.37
S SO4 G . -5.56 28.72 9.42
O1 SO4 G . -4.40 29.30 8.73
O2 SO4 G . -5.70 29.26 10.79
O3 SO4 G . -6.78 28.97 8.65
O4 SO4 G . -5.37 27.27 9.49
S SO4 H . 11.13 10.70 -18.53
O1 SO4 H . 10.17 11.81 -18.75
O2 SO4 H . 11.44 10.50 -17.12
O3 SO4 H . 10.63 9.48 -19.16
O4 SO4 H . 12.44 10.95 -19.16
S SO4 I . 8.54 17.78 -27.67
O1 SO4 I . 9.94 18.24 -27.73
O2 SO4 I . 8.08 17.60 -26.30
O3 SO4 I . 7.65 18.78 -28.27
O4 SO4 I . 8.37 16.48 -28.31
O4 LGS J . 11.59 9.85 2.76
C4 LGS J . 10.39 9.11 2.89
C5 LGS J . 9.57 9.11 1.59
C6 LGS J . 10.37 8.47 0.44
O6 LGS J . 9.41 7.70 -0.29
C3 LGS J . 9.58 9.75 3.98
O3 LGS J . 10.37 9.85 5.15
C2 LGS J . 8.35 8.90 4.28
O2 LGS J . 7.47 9.76 5.02
C1 LGS J . 7.65 8.27 3.01
O1 LGS J . 7.35 6.90 3.24
N1 LGS J . 8.43 8.20 1.77
C7 LGS J . 8.43 7.32 0.64
N2 LGS J . 7.64 6.26 0.33
C8 LGS J . 6.51 5.65 1.06
C9 LGS J . 6.14 4.21 0.50
S SO4 K . 13.59 -15.50 12.95
O1 SO4 K . 13.17 -15.38 11.56
O2 SO4 K . 13.73 -14.12 13.35
O3 SO4 K . 12.57 -16.17 13.76
O4 SO4 K . 14.88 -16.17 13.03
S SO4 L . -18.19 -24.56 -3.98
O1 SO4 L . -18.37 -23.18 -3.55
O2 SO4 L . -17.00 -25.12 -3.34
O3 SO4 L . -19.31 -25.40 -3.63
O4 SO4 L . -18.13 -24.60 -5.44
S SO4 M . 13.03 -21.54 22.66
O1 SO4 M . 11.69 -20.95 22.76
O2 SO4 M . 14.06 -20.55 23.00
O3 SO4 M . 13.12 -22.67 23.59
O4 SO4 M . 13.33 -22.02 21.30
S SO4 N . 5.34 2.38 -17.66
O1 SO4 N . 5.41 1.19 -18.51
O2 SO4 N . 4.63 3.47 -18.35
O3 SO4 N . 4.63 2.06 -16.43
O4 SO4 N . 6.71 2.79 -17.37
S SO4 O . -19.43 4.87 -12.33
O1 SO4 O . -18.42 5.94 -12.33
O2 SO4 O . -19.25 4.00 -11.16
O3 SO4 O . -20.78 5.42 -12.22
O4 SO4 O . -19.26 4.11 -13.58
O4 LGS P . 5.61 -12.70 -6.38
O4 LGS P . 5.26 -13.02 -6.64
C4 LGS P . 4.65 -11.66 -6.19
C4 LGS P . 4.48 -11.89 -6.23
C5 LGS P . 4.39 -11.44 -4.72
C5 LGS P . 4.31 -11.84 -4.71
C6 LGS P . 5.64 -11.07 -3.87
C6 LGS P . 5.64 -11.63 -3.96
O6 LGS P . 5.05 -10.29 -2.81
O6 LGS P . 5.65 -10.28 -3.44
C3 LGS P . 3.31 -12.05 -6.81
C3 LGS P . 3.09 -11.94 -6.93
O3 LGS P . 3.48 -12.52 -8.16
O3 LGS P . 3.22 -11.89 -8.36
C2 LGS P . 2.34 -10.85 -6.80
C2 LGS P . 2.18 -10.79 -6.51
O2 LGS P . 0.99 -11.32 -6.95
O2 LGS P . 0.85 -11.13 -6.96
C1 LGS P . 2.51 -9.89 -5.58
C1 LGS P . 2.22 -10.51 -4.99
O1 LGS P . 2.88 -8.58 -6.08
O1 LGS P . 1.75 -9.19 -4.67
N1 LGS P . 3.54 -10.26 -4.59
N1 LGS P . 3.59 -10.61 -4.46
C7 LGS P . 4.00 -9.60 -3.42
C7 LGS P . 4.43 -9.71 -3.76
N2 LGS P . 3.41 -8.47 -2.97
N2 LGS P . 4.05 -8.48 -3.36
C8 LGS P . 2.28 -7.87 -3.72
C8 LGS P . 4.95 -7.57 -2.62
C9 LGS P . 2.28 -6.33 -3.68
C9 LGS P . 4.18 -6.41 -1.92
#